data_5YVF
#
_entry.id   5YVF
#
_cell.length_a   79.925
_cell.length_b   134.628
_cell.length_c   149.477
_cell.angle_alpha   90.000
_cell.angle_beta   90.000
_cell.angle_gamma   90.000
#
_symmetry.space_group_name_H-M   'P 21 21 21'
#
loop_
_entity.id
_entity.type
_entity.pdbx_description
1 polymer BFA1
2 water water
#
_entity_poly.entity_id   1
_entity_poly.type   'polypeptide(L)'
_entity_poly.pdbx_seq_one_letter_code
;MGSMTVQEDDKRTSDESMSIDNLRGFVDLNVGKWTGSFHQFDGNGNLLHKIDTRLSASSYGEDELLSLNQSLYIKQPTSA
TSVSEEEEEEPEWVEYKIKETNMFTVDKYQQIGFFPKERAFSLRYQTAGMLDTTLRQGVLGEDDTGEESPRNLKLPSRRP
SLVCENCLYSKEIDRRARAFHIMDPKGVLEMLIVFLEERGLENLAHPVLDNAQNDAERINPFLGTWKGRSVTKRSGVYGA
TLSEADTVAVLEMNDKGQVVQDISSTSDEKKVTTNVHWEGKMSKDLVTFAEGYQMTLLPGGMYMGCPCDVSKCVADLKSF
HLEFCWLESPSSRQRLIRTYDHEGLAVSSTYFTETKMKLAAALEHHHHHH
;
_entity_poly.pdbx_strand_id   A,B,C,D
#
# COMPACT_ATOMS: atom_id res chain seq x y z
N ASP A 15 23.45 -10.05 -2.45
CA ASP A 15 22.58 -10.44 -3.55
C ASP A 15 23.37 -11.06 -4.71
N GLU A 16 24.68 -10.89 -4.68
CA GLU A 16 25.57 -11.52 -5.66
C GLU A 16 25.50 -13.04 -5.59
N SER A 17 25.13 -13.56 -4.43
CA SER A 17 25.01 -15.01 -4.24
C SER A 17 23.83 -15.56 -5.03
N MET A 18 22.80 -14.73 -5.21
CA MET A 18 21.63 -15.14 -5.98
C MET A 18 21.95 -15.32 -7.45
N SER A 19 22.77 -14.42 -8.00
CA SER A 19 23.18 -14.51 -9.41
C SER A 19 24.03 -15.74 -9.70
N ILE A 20 24.86 -16.14 -8.73
CA ILE A 20 25.70 -17.31 -8.91
C ILE A 20 24.87 -18.59 -8.85
N ASP A 21 23.92 -18.65 -7.92
CA ASP A 21 23.06 -19.82 -7.79
C ASP A 21 22.20 -19.98 -9.05
N ASN A 22 21.69 -18.88 -9.57
CA ASN A 22 20.90 -18.91 -10.80
C ASN A 22 21.72 -19.24 -12.04
N LEU A 23 22.95 -18.74 -12.11
CA LEU A 23 23.83 -19.06 -13.23
C LEU A 23 24.12 -20.56 -13.31
N ARG A 24 24.31 -21.18 -12.14
CA ARG A 24 24.55 -22.62 -12.09
C ARG A 24 23.30 -23.40 -12.46
N GLY A 25 22.13 -22.90 -12.03
CA GLY A 25 20.87 -23.52 -12.39
C GLY A 25 20.69 -23.57 -13.90
N PHE A 26 21.04 -22.47 -14.57
CA PHE A 26 20.94 -22.41 -16.02
C PHE A 26 21.93 -23.37 -16.68
N VAL A 27 23.15 -23.40 -16.15
CA VAL A 27 24.19 -24.28 -16.68
C VAL A 27 23.82 -25.76 -16.55
N ASP A 28 23.44 -26.17 -15.34
CA ASP A 28 23.11 -27.57 -15.08
C ASP A 28 21.92 -28.09 -15.90
N LEU A 29 21.01 -27.18 -16.25
CA LEU A 29 19.83 -27.55 -17.01
C LEU A 29 20.17 -27.82 -18.46
N ASN A 30 21.33 -27.33 -18.89
CA ASN A 30 21.74 -27.47 -20.28
C ASN A 30 22.73 -28.60 -20.51
N VAL A 31 23.55 -28.89 -19.50
CA VAL A 31 24.62 -29.86 -19.66
C VAL A 31 24.09 -31.25 -20.02
N GLY A 32 24.88 -31.98 -20.80
CA GLY A 32 24.49 -33.31 -21.25
C GLY A 32 24.63 -33.43 -22.75
N LYS A 33 24.29 -34.61 -23.27
CA LYS A 33 24.28 -34.84 -24.70
C LYS A 33 22.86 -34.73 -25.22
N TRP A 34 22.66 -33.85 -26.20
CA TRP A 34 21.34 -33.63 -26.76
C TRP A 34 21.29 -34.07 -28.20
N THR A 35 20.50 -35.10 -28.48
CA THR A 35 20.24 -35.46 -29.86
C THR A 35 18.93 -34.82 -30.29
N GLY A 36 18.93 -34.15 -31.42
CA GLY A 36 17.76 -33.39 -31.80
C GLY A 36 17.56 -33.17 -33.29
N SER A 37 16.45 -32.52 -33.61
CA SER A 37 16.10 -32.22 -34.99
C SER A 37 15.79 -30.73 -35.14
N PHE A 38 16.51 -30.10 -36.05
CA PHE A 38 16.34 -28.70 -36.39
C PHE A 38 15.20 -28.57 -37.38
N HIS A 39 14.30 -27.62 -37.16
CA HIS A 39 13.19 -27.41 -38.09
C HIS A 39 13.17 -25.95 -38.51
N GLN A 40 13.06 -25.70 -39.81
CA GLN A 40 12.90 -24.32 -40.27
C GLN A 40 11.52 -24.14 -40.88
N PHE A 41 10.72 -23.28 -40.26
CA PHE A 41 9.40 -22.98 -40.78
C PHE A 41 9.35 -21.57 -41.35
N ASP A 42 8.36 -21.33 -42.19
CA ASP A 42 8.05 -19.97 -42.63
C ASP A 42 6.87 -19.45 -41.81
N GLY A 43 6.39 -18.26 -42.14
CA GLY A 43 5.29 -17.65 -41.41
C GLY A 43 3.97 -18.41 -41.49
N ASN A 44 3.87 -19.35 -42.43
CA ASN A 44 2.62 -20.12 -42.57
C ASN A 44 2.76 -21.54 -42.07
N GLY A 45 3.83 -21.80 -41.33
CA GLY A 45 4.01 -23.08 -40.68
C GLY A 45 4.50 -24.19 -41.59
N ASN A 46 4.90 -23.82 -42.80
CA ASN A 46 5.44 -24.79 -43.75
C ASN A 46 6.84 -25.21 -43.36
N LEU A 47 7.04 -26.52 -43.19
CA LEU A 47 8.37 -27.04 -42.91
C LEU A 47 9.20 -26.83 -44.15
N LEU A 48 10.30 -26.10 -44.03
CA LEU A 48 11.18 -25.84 -45.17
C LEU A 48 12.32 -26.85 -45.17
N HIS A 49 12.89 -27.10 -44.00
CA HIS A 49 13.98 -28.06 -43.86
C HIS A 49 14.01 -28.70 -42.48
N LYS A 50 14.24 -30.00 -42.44
CA LYS A 50 14.45 -30.70 -41.19
C LYS A 50 15.86 -31.31 -41.22
N ILE A 51 16.68 -30.92 -40.25
CA ILE A 51 18.08 -31.28 -40.24
C ILE A 51 18.46 -31.99 -38.95
N ASP A 52 19.08 -33.14 -39.08
CA ASP A 52 19.54 -33.90 -37.93
C ASP A 52 20.67 -33.14 -37.23
N THR A 53 20.57 -32.99 -35.92
CA THR A 53 21.58 -32.29 -35.15
C THR A 53 21.92 -33.03 -33.86
N ARG A 54 23.12 -32.81 -33.36
CA ARG A 54 23.52 -33.28 -32.03
C ARG A 54 24.05 -32.06 -31.29
N LEU A 55 23.77 -31.95 -30.00
CA LEU A 55 24.23 -30.83 -29.21
C LEU A 55 24.92 -31.31 -27.95
N SER A 56 26.18 -30.91 -27.78
CA SER A 56 26.95 -31.33 -26.62
C SER A 56 27.21 -30.14 -25.72
N ALA A 57 26.61 -30.17 -24.53
CA ALA A 57 26.74 -29.06 -23.59
C ALA A 57 27.43 -29.54 -22.32
N SER A 58 28.48 -28.81 -21.94
CA SER A 58 29.27 -29.15 -20.76
C SER A 58 29.56 -27.86 -20.00
N SER A 59 30.12 -27.99 -18.80
CA SER A 59 30.47 -26.82 -17.99
C SER A 59 31.95 -26.75 -17.63
N TYR A 60 32.42 -25.54 -17.34
CA TYR A 60 33.79 -25.31 -16.90
C TYR A 60 33.80 -24.24 -15.82
N GLY A 61 34.84 -24.25 -14.98
CA GLY A 61 34.97 -23.27 -13.92
C GLY A 61 33.96 -23.47 -12.79
N GLU A 62 34.05 -22.62 -11.78
CA GLU A 62 33.15 -22.71 -10.65
C GLU A 62 32.72 -21.31 -10.18
N ASP A 63 31.62 -21.26 -9.41
CA ASP A 63 31.10 -20.02 -8.86
C ASP A 63 30.90 -18.91 -9.91
N GLU A 64 31.39 -17.72 -9.61
CA GLU A 64 31.16 -16.56 -10.48
C GLU A 64 31.87 -16.69 -11.84
N LEU A 65 32.79 -17.64 -11.95
CA LEU A 65 33.50 -17.86 -13.21
C LEU A 65 32.95 -19.06 -13.97
N LEU A 66 31.84 -19.60 -13.50
CA LEU A 66 31.21 -20.75 -14.14
C LEU A 66 30.76 -20.41 -15.55
N SER A 67 31.03 -21.28 -16.50
CA SER A 67 30.68 -21.02 -17.89
C SER A 67 30.10 -22.27 -18.57
N LEU A 68 29.24 -22.04 -19.56
CA LEU A 68 28.63 -23.14 -20.31
C LEU A 68 29.17 -23.17 -21.73
N ASN A 69 29.98 -24.18 -22.03
CA ASN A 69 30.49 -24.39 -23.38
C ASN A 69 29.62 -25.40 -24.07
N GLN A 70 29.28 -25.14 -25.32
CA GLN A 70 28.45 -26.07 -26.05
C GLN A 70 28.83 -26.16 -27.53
N SER A 71 28.79 -27.38 -28.05
CA SER A 71 29.11 -27.60 -29.45
C SER A 71 27.90 -28.13 -30.19
N LEU A 72 27.60 -27.52 -31.34
CA LEU A 72 26.50 -27.97 -32.17
C LEU A 72 27.05 -28.80 -33.33
N TYR A 73 26.54 -30.00 -33.52
CA TYR A 73 26.99 -30.85 -34.62
C TYR A 73 25.89 -31.02 -35.65
N ILE A 74 26.18 -30.66 -36.90
CA ILE A 74 25.16 -30.67 -37.94
C ILE A 74 25.39 -31.79 -38.96
N LYS A 75 24.32 -32.52 -39.28
CA LYS A 75 24.43 -33.63 -40.22
C LYS A 75 24.49 -33.12 -41.65
N GLN A 76 25.55 -33.52 -42.35
CA GLN A 76 25.75 -33.16 -43.75
C GLN A 76 25.04 -34.12 -44.71
N PRO A 77 24.45 -33.57 -45.79
CA PRO A 77 23.77 -34.36 -46.81
C PRO A 77 24.72 -35.30 -47.54
N THR A 78 24.19 -36.23 -48.33
CA THR A 78 25.03 -37.24 -48.97
C THR A 78 25.78 -36.71 -50.19
N PRO A 91 27.56 -41.11 -42.66
CA PRO A 91 27.07 -39.80 -42.20
C PRO A 91 28.17 -38.96 -41.57
N GLU A 92 28.59 -37.90 -42.27
CA GLU A 92 29.56 -36.97 -41.73
C GLU A 92 28.92 -35.79 -40.99
N TRP A 93 29.52 -35.44 -39.85
CA TRP A 93 29.03 -34.34 -39.02
C TRP A 93 30.00 -33.17 -39.04
N VAL A 94 29.47 -31.95 -39.03
CA VAL A 94 30.30 -30.76 -38.99
C VAL A 94 30.03 -29.98 -37.70
N GLU A 95 31.09 -29.49 -37.08
CA GLU A 95 30.97 -28.84 -35.77
C GLU A 95 30.81 -27.33 -35.87
N TYR A 96 29.91 -26.78 -35.07
CA TYR A 96 29.81 -25.34 -34.91
C TYR A 96 30.06 -25.00 -33.44
N LYS A 97 31.05 -24.15 -33.18
CA LYS A 97 31.32 -23.70 -31.82
C LYS A 97 30.45 -22.52 -31.43
N ILE A 98 29.47 -22.81 -30.59
CA ILE A 98 28.53 -21.83 -30.05
C ILE A 98 29.25 -20.87 -29.10
N LYS A 99 28.90 -19.59 -29.19
CA LYS A 99 29.45 -18.57 -28.31
C LYS A 99 29.36 -19.02 -26.85
N GLU A 100 30.46 -18.84 -26.13
CA GLU A 100 30.52 -19.21 -24.71
C GLU A 100 29.48 -18.43 -23.89
N THR A 101 28.83 -19.12 -22.97
CA THR A 101 27.87 -18.49 -22.06
C THR A 101 28.44 -18.42 -20.64
N ASN A 102 28.57 -17.21 -20.11
CA ASN A 102 29.10 -16.99 -18.77
C ASN A 102 28.34 -15.89 -18.04
N MET A 103 28.83 -15.50 -16.86
CA MET A 103 28.17 -14.48 -16.04
C MET A 103 28.08 -13.13 -16.76
N PHE A 104 29.05 -12.83 -17.61
CA PHE A 104 29.03 -11.59 -18.36
C PHE A 104 28.01 -11.64 -19.51
N THR A 105 27.97 -12.74 -20.26
CA THR A 105 27.13 -12.82 -21.45
C THR A 105 25.64 -12.90 -21.14
N VAL A 106 25.27 -13.70 -20.14
CA VAL A 106 23.85 -13.89 -19.81
C VAL A 106 23.19 -12.59 -19.39
N ASP A 107 23.97 -11.68 -18.83
CA ASP A 107 23.43 -10.46 -18.28
C ASP A 107 23.47 -9.34 -19.32
N LYS A 108 24.65 -9.14 -19.92
CA LYS A 108 24.90 -8.01 -20.81
C LYS A 108 24.45 -8.24 -22.26
N TYR A 109 24.63 -9.47 -22.75
CA TYR A 109 24.40 -9.78 -24.16
C TYR A 109 23.09 -10.51 -24.42
N GLN A 110 22.80 -11.54 -23.63
CA GLN A 110 21.67 -12.40 -23.89
C GLN A 110 20.39 -11.99 -23.17
N GLN A 111 20.51 -11.08 -22.20
CA GLN A 111 19.37 -10.62 -21.39
C GLN A 111 18.51 -11.79 -20.94
N ILE A 112 19.15 -12.76 -20.30
CA ILE A 112 18.50 -14.01 -19.95
C ILE A 112 17.25 -13.82 -19.11
N GLY A 113 16.17 -14.47 -19.53
CA GLY A 113 15.01 -14.61 -18.67
C GLY A 113 15.02 -16.05 -18.22
N PHE A 114 15.22 -16.29 -16.94
CA PHE A 114 15.42 -17.67 -16.48
C PHE A 114 14.51 -18.09 -15.33
N PHE A 115 13.82 -19.21 -15.52
CA PHE A 115 12.91 -19.74 -14.53
C PHE A 115 13.44 -21.09 -14.05
N PRO A 116 14.10 -21.11 -12.89
CA PRO A 116 14.73 -22.33 -12.34
C PRO A 116 13.70 -23.40 -11.99
N LYS A 117 12.66 -23.03 -11.24
CA LYS A 117 11.65 -23.98 -10.80
C LYS A 117 10.84 -24.53 -11.96
N GLU A 118 10.53 -23.69 -12.94
CA GLU A 118 9.66 -24.08 -14.04
C GLU A 118 10.43 -24.68 -15.22
N ARG A 119 11.75 -24.57 -15.18
CA ARG A 119 12.62 -25.13 -16.24
C ARG A 119 12.29 -24.53 -17.61
N ALA A 120 12.52 -23.23 -17.73
CA ALA A 120 12.29 -22.50 -18.97
C ALA A 120 13.25 -21.33 -19.03
N PHE A 121 13.59 -20.89 -20.24
CA PHE A 121 14.43 -19.71 -20.38
C PHE A 121 14.32 -19.02 -21.75
N SER A 122 14.59 -17.72 -21.76
CA SER A 122 14.64 -16.92 -22.97
C SER A 122 16.04 -16.30 -23.11
N LEU A 123 16.54 -16.24 -24.34
CA LEU A 123 17.85 -15.65 -24.60
C LEU A 123 17.79 -14.78 -25.84
N ARG A 124 18.57 -13.72 -25.85
CA ARG A 124 18.71 -12.90 -27.04
C ARG A 124 19.97 -13.32 -27.75
N TYR A 125 19.94 -13.34 -29.08
CA TYR A 125 21.16 -13.52 -29.85
C TYR A 125 21.46 -12.23 -30.61
N GLN A 126 22.73 -11.87 -30.72
CA GLN A 126 23.10 -10.65 -31.42
C GLN A 126 22.95 -10.86 -32.91
N THR A 127 23.09 -12.11 -33.32
CA THR A 127 23.13 -12.48 -34.72
C THR A 127 22.47 -13.85 -34.91
N ALA A 128 22.06 -14.15 -36.14
CA ALA A 128 21.46 -15.45 -36.43
C ALA A 128 22.46 -16.37 -37.10
N GLY A 129 23.74 -16.09 -36.91
CA GLY A 129 24.81 -16.82 -37.57
C GLY A 129 24.82 -18.31 -37.30
N MET A 130 24.57 -18.71 -36.07
CA MET A 130 24.54 -20.13 -35.71
C MET A 130 23.44 -20.86 -36.46
N LEU A 131 22.35 -20.16 -36.74
CA LEU A 131 21.24 -20.74 -37.50
C LEU A 131 21.54 -20.73 -39.00
N ASP A 132 22.26 -19.71 -39.46
CA ASP A 132 22.71 -19.63 -40.85
C ASP A 132 23.64 -20.82 -41.17
N THR A 133 24.62 -21.10 -40.30
CA THR A 133 25.53 -22.24 -40.52
C THR A 133 24.79 -23.59 -40.52
N THR A 134 23.81 -23.74 -39.63
CA THR A 134 23.03 -24.98 -39.59
C THR A 134 22.28 -25.24 -40.89
N LEU A 135 21.69 -24.20 -41.48
CA LEU A 135 20.98 -24.35 -42.74
C LEU A 135 21.96 -24.67 -43.86
N ARG A 136 23.05 -23.91 -43.93
CA ARG A 136 24.09 -24.16 -44.93
C ARG A 136 24.60 -25.60 -44.91
N GLN A 137 25.07 -26.03 -43.75
CA GLN A 137 25.68 -27.35 -43.64
C GLN A 137 24.69 -28.51 -43.77
N GLY A 138 23.47 -28.34 -43.26
CA GLY A 138 22.48 -29.40 -43.28
C GLY A 138 21.76 -29.57 -44.60
N VAL A 139 21.90 -28.57 -45.46
CA VAL A 139 21.24 -28.55 -46.76
C VAL A 139 22.27 -28.58 -47.89
N LEU A 140 23.40 -27.91 -47.68
CA LEU A 140 24.46 -27.86 -48.69
C LEU A 140 25.70 -28.59 -48.21
N GLY A 141 26.80 -28.37 -48.93
CA GLY A 141 28.09 -28.95 -48.56
C GLY A 141 28.68 -28.26 -47.35
N GLU A 148 30.06 -18.04 -51.89
CA GLU A 148 28.79 -17.65 -52.48
C GLU A 148 27.62 -18.09 -51.55
N SER A 149 26.40 -17.82 -51.97
CA SER A 149 25.21 -18.16 -51.19
C SER A 149 24.02 -18.36 -52.13
N PRO A 150 23.53 -19.61 -52.24
CA PRO A 150 22.50 -19.90 -53.24
C PRO A 150 21.16 -19.23 -52.93
N ARG A 151 20.23 -19.31 -53.87
CA ARG A 151 18.98 -18.57 -53.76
C ARG A 151 17.77 -19.44 -53.43
N ASN A 152 17.86 -20.73 -53.68
CA ASN A 152 16.78 -21.64 -53.33
C ASN A 152 16.76 -21.94 -51.84
N LEU A 153 17.74 -21.38 -51.14
CA LEU A 153 17.88 -21.56 -49.70
C LEU A 153 17.61 -20.26 -48.94
N LYS A 154 16.63 -20.32 -48.05
CA LYS A 154 16.23 -19.19 -47.22
C LYS A 154 17.20 -19.05 -46.05
N LEU A 155 18.15 -18.15 -46.19
CA LEU A 155 19.14 -17.88 -45.15
C LEU A 155 18.70 -16.67 -44.35
N PRO A 156 19.01 -16.65 -43.04
CA PRO A 156 18.60 -15.50 -42.22
C PRO A 156 19.41 -14.26 -42.58
N SER A 157 18.81 -13.08 -42.41
CA SER A 157 19.48 -11.83 -42.75
C SER A 157 20.81 -11.68 -42.04
N ARG A 158 21.70 -10.90 -42.64
CA ARG A 158 23.04 -10.69 -42.09
C ARG A 158 22.92 -9.87 -40.81
N ARG A 159 22.01 -8.90 -40.81
CA ARG A 159 21.79 -8.07 -39.64
C ARG A 159 20.32 -8.05 -39.25
N PRO A 160 19.83 -9.16 -38.69
CA PRO A 160 18.42 -9.18 -38.28
C PRO A 160 18.20 -8.22 -37.09
N SER A 161 16.97 -7.73 -36.96
CA SER A 161 16.65 -6.75 -35.93
C SER A 161 16.42 -7.41 -34.58
N LEU A 162 16.05 -8.68 -34.59
CA LEU A 162 15.76 -9.37 -33.35
C LEU A 162 15.93 -10.87 -33.57
N VAL A 163 16.69 -11.51 -32.68
CA VAL A 163 16.80 -12.96 -32.69
C VAL A 163 16.58 -13.45 -31.27
N CYS A 164 15.47 -14.14 -31.06
CA CYS A 164 15.07 -14.51 -29.72
C CYS A 164 14.88 -16.00 -29.61
N GLU A 165 15.37 -16.59 -28.54
CA GLU A 165 15.18 -18.01 -28.30
C GLU A 165 14.29 -18.21 -27.08
N ASN A 166 13.26 -19.04 -27.22
CA ASN A 166 12.43 -19.42 -26.08
C ASN A 166 12.44 -20.91 -25.86
N CYS A 167 12.76 -21.33 -24.64
CA CYS A 167 12.94 -22.76 -24.37
C CYS A 167 12.03 -23.31 -23.27
N LEU A 168 11.25 -24.34 -23.61
CA LEU A 168 10.39 -25.01 -22.63
C LEU A 168 10.83 -26.45 -22.44
N TYR A 169 10.74 -26.95 -21.22
CA TYR A 169 11.07 -28.35 -20.95
C TYR A 169 9.81 -29.16 -20.69
N SER A 170 9.82 -30.41 -21.12
CA SER A 170 8.70 -31.32 -20.88
C SER A 170 8.73 -31.85 -19.45
N LYS A 171 7.56 -32.12 -18.89
CA LYS A 171 7.48 -32.62 -17.52
C LYS A 171 7.44 -34.14 -17.48
N ILE A 173 9.09 -36.50 -19.53
CA ILE A 173 10.38 -37.03 -19.99
C ILE A 173 11.39 -35.89 -20.06
N ASP A 174 12.68 -36.24 -20.09
CA ASP A 174 13.76 -35.27 -20.20
C ASP A 174 14.08 -34.83 -21.64
N ARG A 175 13.13 -34.14 -22.27
CA ARG A 175 13.37 -33.51 -23.55
C ARG A 175 12.90 -32.05 -23.55
N ARG A 176 13.49 -31.26 -24.44
CA ARG A 176 13.19 -29.83 -24.54
C ARG A 176 12.97 -29.39 -25.98
N ALA A 177 12.32 -28.25 -26.13
CA ALA A 177 12.15 -27.60 -27.43
C ALA A 177 12.64 -26.17 -27.34
N ARG A 178 13.46 -25.76 -28.31
CA ARG A 178 14.03 -24.41 -28.34
C ARG A 178 13.58 -23.65 -29.59
N ALA A 179 12.66 -22.71 -29.39
CA ALA A 179 12.04 -21.97 -30.49
C ALA A 179 12.75 -20.65 -30.76
N PHE A 180 12.94 -20.32 -32.02
CA PHE A 180 13.61 -19.08 -32.41
C PHE A 180 12.72 -18.22 -33.27
N HIS A 181 12.57 -16.97 -32.87
CA HIS A 181 12.00 -15.96 -33.74
C HIS A 181 13.15 -15.24 -34.43
N ILE A 182 13.02 -14.99 -35.72
CA ILE A 182 13.97 -14.12 -36.43
C ILE A 182 13.25 -13.06 -37.25
N MET A 183 13.51 -11.79 -36.96
CA MET A 183 12.90 -10.72 -37.74
C MET A 183 13.96 -10.01 -38.61
N ASP A 184 13.59 -9.67 -39.85
CA ASP A 184 14.49 -8.98 -40.78
C ASP A 184 14.86 -7.57 -40.29
N PRO A 185 15.82 -6.88 -40.94
CA PRO A 185 16.21 -5.56 -40.45
C PRO A 185 15.08 -4.53 -40.34
N LYS A 186 13.93 -4.78 -40.97
CA LYS A 186 12.79 -3.88 -40.87
C LYS A 186 11.70 -4.40 -39.92
N GLY A 187 12.02 -5.42 -39.13
CA GLY A 187 11.16 -5.89 -38.06
C GLY A 187 10.06 -6.87 -38.48
N VAL A 188 10.16 -7.40 -39.70
CA VAL A 188 9.18 -8.37 -40.15
C VAL A 188 9.73 -9.80 -40.08
N LEU A 189 8.93 -10.70 -39.52
CA LEU A 189 9.30 -12.09 -39.35
C LEU A 189 9.76 -12.73 -40.66
N GLU A 190 10.91 -13.38 -40.62
CA GLU A 190 11.44 -14.03 -41.82
C GLU A 190 11.55 -15.55 -41.73
N MET A 191 11.71 -16.06 -40.51
CA MET A 191 11.65 -17.50 -40.29
C MET A 191 11.39 -17.86 -38.83
N LEU A 192 10.95 -19.09 -38.62
CA LEU A 192 10.79 -19.65 -37.29
C LEU A 192 11.59 -20.93 -37.22
N ILE A 193 12.24 -21.17 -36.09
CA ILE A 193 13.08 -22.35 -35.96
C ILE A 193 12.78 -23.09 -34.68
N VAL A 194 12.68 -24.41 -34.78
CA VAL A 194 12.43 -25.24 -33.61
C VAL A 194 13.44 -26.37 -33.50
N PHE A 195 14.26 -26.32 -32.46
CA PHE A 195 15.09 -27.45 -32.12
C PHE A 195 14.25 -28.33 -31.20
N LEU A 196 13.98 -29.55 -31.63
CA LEU A 196 13.36 -30.53 -30.74
C LEU A 196 14.45 -31.48 -30.28
N GLU A 197 14.76 -31.48 -28.99
CA GLU A 197 15.93 -32.19 -28.47
C GLU A 197 15.64 -33.06 -27.25
N GLU A 198 16.22 -34.27 -27.23
CA GLU A 198 16.13 -35.14 -26.07
C GLU A 198 17.52 -35.47 -25.52
N ARG A 199 17.63 -35.55 -24.20
CA ARG A 199 18.91 -35.77 -23.53
C ARG A 199 19.13 -37.23 -23.17
N GLY A 200 20.37 -37.71 -23.34
CA GLY A 200 20.72 -39.09 -23.05
C GLY A 200 19.79 -40.12 -23.67
N ALA A 205 16.40 -42.25 -32.27
CA ALA A 205 17.19 -41.07 -32.06
C ALA A 205 16.44 -39.85 -32.54
N HIS A 206 17.04 -39.06 -33.36
CA HIS A 206 16.48 -37.79 -33.60
C HIS A 206 15.04 -37.69 -33.42
N PRO A 207 14.70 -36.98 -32.39
CA PRO A 207 13.31 -36.63 -32.10
C PRO A 207 12.46 -36.21 -33.30
N VAL A 208 11.15 -36.40 -33.19
CA VAL A 208 10.23 -36.16 -34.29
C VAL A 208 9.06 -35.28 -33.89
N LEU A 209 8.78 -34.27 -34.71
CA LEU A 209 7.61 -33.42 -34.53
C LEU A 209 6.48 -34.08 -35.28
N ASP A 210 5.72 -33.27 -36.00
CA ASP A 210 4.56 -33.66 -36.81
C ASP A 210 4.13 -35.12 -36.66
N ASN A 211 3.84 -35.51 -35.43
CA ASN A 211 3.46 -36.87 -35.08
C ASN A 211 1.97 -37.13 -35.28
N ALA A 212 1.36 -36.36 -36.18
CA ALA A 212 -0.07 -36.39 -36.38
C ALA A 212 -0.54 -37.67 -37.06
N GLN A 213 -1.76 -38.07 -36.75
CA GLN A 213 -2.45 -39.14 -37.45
C GLN A 213 -3.85 -38.65 -37.78
N ASN A 214 -4.03 -37.33 -37.75
CA ASN A 214 -5.34 -36.73 -37.88
C ASN A 214 -5.56 -36.08 -39.23
N ASP A 215 -4.56 -35.33 -39.67
CA ASP A 215 -4.74 -34.34 -40.74
C ASP A 215 -5.81 -33.32 -40.35
N ALA A 216 -5.98 -33.14 -39.04
CA ALA A 216 -6.89 -32.15 -38.50
C ALA A 216 -6.20 -30.79 -38.51
N GLU A 217 -7.01 -29.74 -38.36
CA GLU A 217 -6.53 -28.38 -38.37
C GLU A 217 -5.64 -28.21 -37.14
N ARG A 218 -4.46 -27.62 -37.32
CA ARG A 218 -3.46 -27.55 -36.25
C ARG A 218 -3.92 -26.74 -35.06
N ILE A 219 -4.83 -25.79 -35.28
CA ILE A 219 -5.26 -24.90 -34.20
C ILE A 219 -6.19 -25.58 -33.19
N ASN A 220 -6.80 -26.69 -33.61
CA ASN A 220 -7.85 -27.34 -32.81
C ASN A 220 -7.50 -27.66 -31.35
N PRO A 221 -6.36 -28.34 -31.10
CA PRO A 221 -6.05 -28.62 -29.69
C PRO A 221 -5.80 -27.36 -28.85
N PHE A 222 -5.63 -26.21 -29.51
CA PHE A 222 -5.44 -24.94 -28.81
C PHE A 222 -6.78 -24.27 -28.47
N LEU A 223 -7.81 -24.56 -29.28
CA LEU A 223 -9.14 -24.01 -29.05
C LEU A 223 -9.69 -24.45 -27.69
N GLY A 224 -10.44 -23.57 -27.05
CA GLY A 224 -11.02 -23.90 -25.77
C GLY A 224 -10.59 -22.96 -24.66
N THR A 225 -10.83 -23.38 -23.42
CA THR A 225 -10.52 -22.58 -22.25
C THR A 225 -9.39 -23.20 -21.46
N TRP A 226 -8.32 -22.44 -21.28
CA TRP A 226 -7.16 -22.90 -20.53
C TRP A 226 -7.02 -22.05 -19.27
N LYS A 227 -6.91 -22.69 -18.11
CA LYS A 227 -6.62 -21.95 -16.90
C LYS A 227 -5.39 -22.48 -16.19
N GLY A 228 -4.68 -21.58 -15.51
CA GLY A 228 -3.42 -21.93 -14.88
C GLY A 228 -2.79 -20.75 -14.19
N ARG A 229 -1.47 -20.77 -14.06
CA ARG A 229 -0.76 -19.69 -13.39
C ARG A 229 0.36 -19.16 -14.26
N SER A 230 0.75 -17.92 -14.03
CA SER A 230 1.88 -17.32 -14.74
C SER A 230 2.85 -16.72 -13.73
N VAL A 231 4.10 -16.58 -14.13
CA VAL A 231 5.09 -15.90 -13.31
C VAL A 231 6.00 -15.06 -14.19
N THR A 232 6.05 -13.76 -13.93
CA THR A 232 6.84 -12.85 -14.75
C THR A 232 8.14 -12.50 -14.06
N LYS A 233 9.24 -12.77 -14.73
CA LYS A 233 10.55 -12.46 -14.19
C LYS A 233 11.21 -11.39 -15.02
N ARG A 234 11.78 -10.40 -14.33
CA ARG A 234 12.55 -9.38 -15.00
C ARG A 234 13.75 -10.07 -15.64
N SER A 235 14.07 -9.69 -16.88
CA SER A 235 15.22 -10.26 -17.56
C SER A 235 16.50 -9.84 -16.85
N GLY A 236 17.57 -10.58 -17.09
CA GLY A 236 18.81 -10.39 -16.37
C GLY A 236 19.07 -11.61 -15.53
N VAL A 237 20.33 -11.84 -15.21
CA VAL A 237 20.76 -13.07 -14.54
C VAL A 237 20.17 -13.22 -13.13
N TYR A 238 19.95 -12.10 -12.45
CA TYR A 238 19.37 -12.11 -11.11
C TYR A 238 17.98 -12.74 -11.08
N GLY A 239 17.15 -12.38 -12.06
CA GLY A 239 15.85 -13.01 -12.24
C GLY A 239 14.84 -12.72 -11.14
N ALA A 240 14.71 -11.43 -10.81
CA ALA A 240 13.74 -10.97 -9.81
C ALA A 240 12.31 -11.26 -10.25
N THR A 241 11.48 -11.80 -9.36
CA THR A 241 10.08 -11.99 -9.71
C THR A 241 9.31 -10.69 -9.55
N LEU A 242 8.78 -10.17 -10.65
CA LEU A 242 8.00 -8.95 -10.61
C LEU A 242 6.55 -9.24 -10.21
N SER A 243 6.02 -10.36 -10.69
CA SER A 243 4.64 -10.73 -10.35
C SER A 243 4.34 -12.19 -10.65
N GLU A 244 3.21 -12.65 -10.12
CA GLU A 244 2.63 -13.95 -10.40
C GLU A 244 1.13 -13.76 -10.49
N ALA A 245 0.43 -14.61 -11.24
CA ALA A 245 -1.00 -14.42 -11.45
C ALA A 245 -1.71 -15.70 -11.82
N ASP A 246 -3.01 -15.77 -11.54
CA ASP A 246 -3.86 -16.84 -12.04
C ASP A 246 -4.40 -16.43 -13.40
N THR A 247 -4.28 -17.30 -14.39
CA THR A 247 -4.61 -16.94 -15.76
C THR A 247 -5.78 -17.72 -16.33
N VAL A 248 -6.54 -17.08 -17.21
CA VAL A 248 -7.57 -17.76 -17.98
C VAL A 248 -7.40 -17.37 -19.45
N ALA A 249 -7.07 -18.35 -20.28
CA ALA A 249 -6.90 -18.13 -21.70
C ALA A 249 -8.01 -18.81 -22.50
N VAL A 250 -8.71 -18.03 -23.32
CA VAL A 250 -9.80 -18.58 -24.14
C VAL A 250 -9.57 -18.37 -25.63
N LEU A 251 -9.55 -19.47 -26.39
CA LEU A 251 -9.36 -19.38 -27.84
C LEU A 251 -10.50 -20.07 -28.61
N GLU A 252 -11.10 -19.34 -29.55
CA GLU A 252 -12.25 -19.86 -30.30
C GLU A 252 -12.13 -19.58 -31.79
N MET A 253 -12.70 -20.47 -32.60
CA MET A 253 -12.75 -20.23 -34.05
C MET A 253 -14.04 -20.83 -34.62
N ASN A 254 -14.79 -20.04 -35.37
CA ASN A 254 -16.00 -20.55 -36.01
C ASN A 254 -15.70 -21.18 -37.37
N ASP A 255 -16.74 -21.61 -38.08
CA ASP A 255 -16.58 -22.28 -39.36
C ASP A 255 -16.13 -21.30 -40.45
N LYS A 256 -16.41 -20.01 -40.24
CA LYS A 256 -16.03 -18.99 -41.20
C LYS A 256 -14.52 -18.73 -41.13
N GLY A 257 -13.89 -19.10 -40.03
CA GLY A 257 -12.45 -18.96 -39.86
C GLY A 257 -12.07 -17.79 -38.98
N GLN A 258 -13.02 -17.27 -38.22
CA GLN A 258 -12.75 -16.13 -37.37
C GLN A 258 -12.39 -16.56 -35.95
N VAL A 259 -11.25 -16.04 -35.49
CA VAL A 259 -10.64 -16.40 -34.22
C VAL A 259 -10.91 -15.34 -33.16
N VAL A 260 -11.25 -15.78 -31.96
CA VAL A 260 -11.43 -14.89 -30.84
C VAL A 260 -10.52 -15.33 -29.71
N GLN A 261 -9.76 -14.40 -29.15
CA GLN A 261 -8.88 -14.72 -28.03
C GLN A 261 -9.09 -13.79 -26.85
N ASP A 262 -9.25 -14.40 -25.68
CA ASP A 262 -9.38 -13.67 -24.43
C ASP A 262 -8.30 -14.15 -23.46
N ILE A 263 -7.53 -13.22 -22.91
CA ILE A 263 -6.59 -13.58 -21.85
C ILE A 263 -6.91 -12.80 -20.57
N SER A 264 -7.14 -13.55 -19.48
CA SER A 264 -7.48 -12.96 -18.21
C SER A 264 -6.35 -13.21 -17.22
N SER A 265 -5.98 -12.19 -16.48
CA SER A 265 -4.87 -12.29 -15.54
C SER A 265 -5.22 -11.61 -14.21
N THR A 266 -5.39 -12.41 -13.17
CA THR A 266 -5.75 -11.89 -11.85
C THR A 266 -4.62 -11.97 -10.84
N SER A 267 -4.11 -10.81 -10.42
CA SER A 267 -3.07 -10.79 -9.41
C SER A 267 -3.75 -10.67 -8.05
N ASP A 268 -3.40 -11.57 -7.15
CA ASP A 268 -4.01 -11.62 -5.82
C ASP A 268 -3.47 -10.51 -4.90
N GLU A 269 -2.15 -10.37 -4.89
CA GLU A 269 -1.44 -9.40 -4.05
C GLU A 269 -1.80 -7.96 -4.41
N LYS A 270 -1.69 -7.63 -5.70
CA LYS A 270 -1.94 -6.28 -6.19
C LYS A 270 -3.45 -5.98 -6.37
N LYS A 271 -4.29 -6.99 -6.21
CA LYS A 271 -5.74 -6.89 -6.41
C LYS A 271 -6.09 -6.30 -7.77
N VAL A 272 -5.47 -6.82 -8.82
CA VAL A 272 -5.73 -6.38 -10.17
C VAL A 272 -6.22 -7.53 -11.05
N THR A 273 -7.17 -7.24 -11.92
CA THR A 273 -7.58 -8.20 -12.93
C THR A 273 -7.69 -7.50 -14.27
N THR A 274 -6.92 -8.00 -15.23
CA THR A 274 -6.91 -7.45 -16.58
C THR A 274 -7.48 -8.46 -17.55
N ASN A 275 -8.37 -8.00 -18.42
CA ASN A 275 -8.89 -8.81 -19.50
C ASN A 275 -8.45 -8.20 -20.82
N VAL A 276 -7.90 -9.03 -21.70
CA VAL A 276 -7.56 -8.59 -23.06
C VAL A 276 -8.24 -9.47 -24.10
N HIS A 277 -9.02 -8.83 -24.97
CA HIS A 277 -9.81 -9.53 -25.98
C HIS A 277 -9.38 -9.14 -27.39
N TRP A 278 -8.94 -10.11 -28.18
CA TRP A 278 -8.49 -9.87 -29.55
C TRP A 278 -9.33 -10.68 -30.55
N GLU A 279 -9.54 -10.12 -31.73
CA GLU A 279 -10.24 -10.82 -32.81
C GLU A 279 -9.37 -10.86 -34.06
N GLY A 280 -9.38 -11.98 -34.79
CA GLY A 280 -8.60 -12.11 -35.99
C GLY A 280 -9.12 -13.17 -36.95
N LYS A 281 -8.38 -13.43 -38.03
CA LYS A 281 -8.80 -14.40 -39.03
C LYS A 281 -7.73 -15.45 -39.23
N MET A 282 -8.16 -16.70 -39.41
CA MET A 282 -7.24 -17.80 -39.61
C MET A 282 -7.17 -18.14 -41.10
N SER A 283 -5.98 -18.41 -41.59
CA SER A 283 -5.77 -18.73 -42.98
C SER A 283 -4.41 -19.39 -43.15
N LYS A 284 -4.42 -20.67 -43.51
CA LYS A 284 -3.20 -21.44 -43.76
C LYS A 284 -2.26 -21.45 -42.56
N ASP A 285 -2.77 -21.92 -41.43
CA ASP A 285 -1.97 -22.06 -40.20
C ASP A 285 -1.38 -20.76 -39.67
N LEU A 286 -1.97 -19.63 -40.06
CA LEU A 286 -1.51 -18.33 -39.59
C LEU A 286 -2.70 -17.46 -39.17
N VAL A 287 -2.87 -17.28 -37.86
CA VAL A 287 -3.90 -16.38 -37.37
C VAL A 287 -3.39 -14.95 -37.39
N THR A 288 -4.12 -14.06 -38.08
CA THR A 288 -3.76 -12.65 -38.09
C THR A 288 -4.79 -11.84 -37.33
N PHE A 289 -4.38 -11.29 -36.19
CA PHE A 289 -5.23 -10.43 -35.38
C PHE A 289 -5.13 -9.00 -35.90
N ALA A 290 -6.19 -8.21 -35.73
CA ALA A 290 -6.19 -6.85 -36.25
C ALA A 290 -5.32 -5.92 -35.40
N GLU A 291 -4.78 -6.46 -34.31
CA GLU A 291 -4.02 -5.71 -33.30
C GLU A 291 -2.76 -4.90 -33.70
N GLY A 292 -1.84 -5.44 -34.52
CA GLY A 292 -1.94 -6.72 -35.19
C GLY A 292 -0.83 -7.70 -34.90
N TYR A 293 -1.17 -8.65 -34.03
CA TYR A 293 -0.29 -9.72 -33.61
C TYR A 293 -0.56 -10.85 -34.57
N GLN A 294 0.34 -11.83 -34.62
CA GLN A 294 0.13 -13.01 -35.43
C GLN A 294 0.72 -14.26 -34.79
N MET A 295 -0.08 -15.32 -34.69
CA MET A 295 0.45 -16.61 -34.29
C MET A 295 0.34 -17.64 -35.42
N THR A 296 1.49 -18.19 -35.79
CA THR A 296 1.53 -19.26 -36.77
C THR A 296 1.54 -20.58 -36.00
N LEU A 297 0.69 -21.50 -36.43
CA LEU A 297 0.52 -22.76 -35.74
C LEU A 297 1.40 -23.83 -36.35
N LEU A 298 2.11 -24.56 -35.50
CA LEU A 298 3.14 -25.50 -35.95
C LEU A 298 2.75 -26.96 -35.71
N PRO A 299 3.49 -27.90 -36.33
CA PRO A 299 3.35 -29.33 -36.00
C PRO A 299 3.72 -29.59 -34.54
N GLY A 300 3.41 -30.78 -34.04
CA GLY A 300 3.85 -31.17 -32.72
C GLY A 300 3.18 -30.50 -31.54
N GLY A 301 2.10 -29.78 -31.81
CA GLY A 301 1.39 -29.08 -30.75
C GLY A 301 2.10 -27.82 -30.30
N MET A 302 2.72 -27.14 -31.26
CA MET A 302 3.39 -25.87 -31.01
C MET A 302 2.75 -24.74 -31.80
N TYR A 303 2.83 -23.53 -31.26
CA TYR A 303 2.59 -22.32 -32.05
C TYR A 303 3.51 -21.21 -31.57
N MET A 304 3.75 -20.22 -32.44
CA MET A 304 4.64 -19.12 -32.10
C MET A 304 4.01 -17.77 -32.46
N GLY A 305 4.12 -16.80 -31.57
CA GLY A 305 3.48 -15.51 -31.80
C GLY A 305 4.44 -14.34 -31.76
N CYS A 306 4.14 -13.31 -32.55
CA CYS A 306 4.98 -12.13 -32.65
C CYS A 306 4.19 -11.07 -33.38
N PRO A 307 4.60 -9.81 -33.31
CA PRO A 307 3.88 -8.82 -34.11
C PRO A 307 4.15 -8.95 -35.61
N CYS A 308 3.22 -8.45 -36.43
CA CYS A 308 3.37 -8.49 -37.89
C CYS A 308 4.58 -7.67 -38.28
N ASP A 309 4.65 -6.46 -37.72
CA ASP A 309 5.72 -5.54 -38.04
C ASP A 309 6.21 -4.91 -36.74
N VAL A 310 7.33 -5.41 -36.22
CA VAL A 310 7.90 -4.90 -34.98
C VAL A 310 8.16 -3.41 -35.07
N SER A 311 8.55 -2.94 -36.25
CA SER A 311 8.88 -1.54 -36.47
C SER A 311 7.70 -0.59 -36.25
N LYS A 312 6.48 -1.07 -36.47
CA LYS A 312 5.30 -0.23 -36.20
C LYS A 312 5.16 0.01 -34.70
N CYS A 313 5.40 -1.04 -33.91
CA CYS A 313 5.39 -0.92 -32.46
C CYS A 313 6.42 0.11 -32.02
N VAL A 314 7.66 -0.05 -32.50
CA VAL A 314 8.73 0.88 -32.14
C VAL A 314 8.39 2.30 -32.58
N ALA A 315 7.84 2.44 -33.77
CA ALA A 315 7.50 3.75 -34.30
C ALA A 315 6.37 4.38 -33.50
N ASP A 316 5.49 3.54 -32.97
CA ASP A 316 4.34 4.00 -32.17
C ASP A 316 4.70 4.20 -30.70
N LEU A 317 5.97 4.01 -30.35
CA LEU A 317 6.42 4.08 -28.97
C LEU A 317 5.66 3.07 -28.08
N LYS A 318 5.46 1.86 -28.60
CA LYS A 318 4.72 0.82 -27.87
C LYS A 318 5.57 -0.39 -27.49
N SER A 319 5.19 -1.08 -26.42
CA SER A 319 5.78 -2.37 -26.04
C SER A 319 5.24 -3.45 -26.95
N PHE A 320 5.96 -4.59 -27.03
CA PHE A 320 5.47 -5.73 -27.79
C PHE A 320 5.98 -7.05 -27.20
N HIS A 321 5.43 -8.18 -27.65
CA HIS A 321 5.91 -9.45 -27.13
C HIS A 321 6.01 -10.57 -28.15
N LEU A 322 6.88 -11.52 -27.87
CA LEU A 322 7.03 -12.75 -28.65
C LEU A 322 6.52 -13.89 -27.80
N GLU A 323 6.10 -14.97 -28.43
CA GLU A 323 5.47 -16.05 -27.68
C GLU A 323 5.78 -17.40 -28.27
N PHE A 324 6.02 -18.36 -27.39
CA PHE A 324 6.25 -19.74 -27.77
C PHE A 324 5.39 -20.63 -26.86
N CYS A 325 4.56 -21.47 -27.47
CA CYS A 325 3.65 -22.34 -26.76
C CYS A 325 3.82 -23.80 -27.17
N TRP A 326 3.72 -24.70 -26.20
CA TRP A 326 3.93 -26.11 -26.46
C TRP A 326 3.03 -26.94 -25.57
N LEU A 327 2.10 -27.69 -26.16
CA LEU A 327 1.28 -28.58 -25.35
C LEU A 327 1.82 -30.01 -25.36
N GLU A 328 1.84 -30.62 -24.18
CA GLU A 328 2.34 -32.00 -24.03
C GLU A 328 1.25 -33.01 -24.37
N SER A 329 0.09 -32.82 -23.74
CA SER A 329 -1.08 -33.64 -23.99
C SER A 329 -2.13 -32.76 -24.66
N PRO A 330 -3.30 -33.32 -25.00
CA PRO A 330 -4.32 -32.39 -25.51
C PRO A 330 -5.03 -31.60 -24.41
N SER A 331 -4.56 -31.70 -23.17
CA SER A 331 -5.16 -30.97 -22.06
C SER A 331 -4.12 -30.31 -21.15
N SER A 332 -2.87 -30.27 -21.59
CA SER A 332 -1.81 -29.64 -20.80
C SER A 332 -0.73 -28.95 -21.65
N ARG A 333 -0.47 -27.67 -21.38
CA ARG A 333 0.48 -26.91 -22.17
C ARG A 333 1.34 -25.97 -21.32
N GLN A 334 2.44 -25.50 -21.94
CA GLN A 334 3.31 -24.48 -21.38
C GLN A 334 3.43 -23.35 -22.40
N ARG A 335 3.55 -22.12 -21.94
CA ARG A 335 3.76 -20.96 -22.81
C ARG A 335 4.89 -20.12 -22.29
N LEU A 336 5.63 -19.48 -23.18
CA LEU A 336 6.68 -18.58 -22.76
C LEU A 336 6.53 -17.29 -23.55
N ILE A 337 6.42 -16.16 -22.84
CA ILE A 337 6.30 -14.86 -23.47
C ILE A 337 7.50 -13.97 -23.17
N ARG A 338 8.06 -13.37 -24.22
CA ARG A 338 9.19 -12.46 -24.09
C ARG A 338 8.73 -11.04 -24.35
N THR A 339 8.85 -10.17 -23.35
CA THR A 339 8.34 -8.81 -23.46
C THR A 339 9.42 -7.76 -23.74
N TYR A 340 9.18 -6.91 -24.73
CA TYR A 340 10.14 -5.90 -25.12
C TYR A 340 9.59 -4.49 -24.90
N ASP A 341 10.47 -3.55 -24.55
CA ASP A 341 10.05 -2.15 -24.53
C ASP A 341 10.02 -1.61 -25.97
N HIS A 342 9.67 -0.35 -26.13
CA HIS A 342 9.54 0.23 -27.46
C HIS A 342 10.89 0.44 -28.16
N GLU A 343 11.98 0.16 -27.45
CA GLU A 343 13.31 0.24 -28.06
C GLU A 343 13.88 -1.14 -28.43
N GLY A 344 13.05 -2.16 -28.37
CA GLY A 344 13.47 -3.51 -28.73
C GLY A 344 14.35 -4.18 -27.71
N LEU A 345 14.34 -3.66 -26.49
CA LEU A 345 15.03 -4.31 -25.38
C LEU A 345 14.08 -5.23 -24.63
N ALA A 346 14.50 -6.47 -24.39
CA ALA A 346 13.70 -7.39 -23.61
C ALA A 346 13.71 -6.94 -22.15
N VAL A 347 12.54 -6.73 -21.57
CA VAL A 347 12.46 -6.22 -20.21
C VAL A 347 12.03 -7.30 -19.21
N SER A 348 11.27 -8.28 -19.69
CA SER A 348 10.81 -9.37 -18.83
C SER A 348 10.42 -10.62 -19.62
N SER A 349 10.35 -11.74 -18.93
CA SER A 349 9.85 -12.99 -19.51
C SER A 349 8.71 -13.49 -18.65
N THR A 350 7.71 -14.10 -19.26
CA THR A 350 6.59 -14.65 -18.51
C THR A 350 6.38 -16.13 -18.82
N TYR A 351 6.43 -16.97 -17.79
CA TYR A 351 6.16 -18.40 -17.97
C TYR A 351 4.71 -18.74 -17.66
N PHE A 352 4.08 -19.53 -18.53
CA PHE A 352 2.73 -20.01 -18.29
C PHE A 352 2.75 -21.53 -18.18
N THR A 353 1.99 -22.06 -17.23
CA THR A 353 1.65 -23.48 -17.20
C THR A 353 0.13 -23.59 -17.06
N GLU A 354 -0.48 -24.26 -18.03
CA GLU A 354 -1.93 -24.23 -18.16
C GLU A 354 -2.51 -25.60 -18.41
N THR A 355 -3.74 -25.83 -17.94
CA THR A 355 -4.46 -27.06 -18.23
C THR A 355 -5.78 -26.73 -18.90
N LYS A 356 -6.21 -27.58 -19.82
CA LYS A 356 -7.42 -27.31 -20.60
C LYS A 356 -8.65 -27.77 -19.84
N MET A 357 -9.59 -26.85 -19.65
CA MET A 357 -10.84 -27.19 -19.00
C MET A 357 -11.71 -27.97 -19.96
N LYS A 358 -12.68 -28.70 -19.44
CA LYS A 358 -13.53 -29.53 -20.27
C LYS A 358 -14.76 -28.74 -20.70
N LEU A 359 -15.42 -29.20 -21.77
CA LEU A 359 -16.59 -28.50 -22.32
C LEU A 359 -17.85 -29.35 -22.25
N ASP B 15 5.34 15.67 -44.30
CA ASP B 15 4.78 15.49 -42.95
C ASP B 15 5.16 16.65 -42.04
N GLU B 16 6.16 17.43 -42.45
CA GLU B 16 6.53 18.66 -41.76
C GLU B 16 5.36 19.66 -41.81
N SER B 17 4.51 19.50 -42.82
CA SER B 17 3.36 20.38 -42.99
C SER B 17 2.34 20.13 -41.88
N MET B 18 2.24 18.89 -41.42
CA MET B 18 1.34 18.53 -40.33
C MET B 18 1.83 19.09 -38.99
N SER B 19 3.14 19.03 -38.77
CA SER B 19 3.75 19.53 -37.54
C SER B 19 3.60 21.05 -37.39
N ILE B 20 3.63 21.77 -38.50
CA ILE B 20 3.49 23.22 -38.43
C ILE B 20 2.05 23.60 -38.11
N ASP B 21 1.10 22.87 -38.69
CA ASP B 21 -0.31 23.14 -38.44
C ASP B 21 -0.67 22.88 -36.98
N ASN B 22 -0.10 21.80 -36.42
CA ASN B 22 -0.34 21.45 -35.02
C ASN B 22 0.31 22.42 -34.03
N LEU B 23 1.50 22.88 -34.34
CA LEU B 23 2.15 23.88 -33.51
C LEU B 23 1.32 25.15 -33.50
N ARG B 24 0.77 25.50 -34.66
CA ARG B 24 -0.09 26.66 -34.78
C ARG B 24 -1.39 26.47 -34.03
N GLY B 25 -1.95 25.26 -34.12
CA GLY B 25 -3.14 24.92 -33.37
C GLY B 25 -2.91 25.07 -31.89
N PHE B 26 -1.76 24.57 -31.43
CA PHE B 26 -1.40 24.65 -30.01
C PHE B 26 -1.17 26.08 -29.57
N VAL B 27 -0.47 26.86 -30.38
CA VAL B 27 -0.20 28.26 -30.06
C VAL B 27 -1.50 29.05 -29.97
N ASP B 28 -2.35 28.93 -30.99
CA ASP B 28 -3.62 29.65 -31.06
C ASP B 28 -4.56 29.30 -29.91
N LEU B 29 -4.45 28.08 -29.41
CA LEU B 29 -5.28 27.62 -28.29
C LEU B 29 -4.78 28.26 -27.00
N ASN B 30 -3.55 28.78 -27.04
CA ASN B 30 -2.95 29.39 -25.86
C ASN B 30 -2.97 30.92 -25.83
N VAL B 31 -2.99 31.57 -26.98
CA VAL B 31 -2.90 33.04 -27.00
C VAL B 31 -4.08 33.72 -26.30
N GLY B 32 -3.79 34.88 -25.70
CA GLY B 32 -4.78 35.66 -24.99
C GLY B 32 -4.35 36.06 -23.59
N LYS B 33 -5.22 36.79 -22.89
CA LYS B 33 -5.00 37.16 -21.51
C LYS B 33 -5.81 36.23 -20.61
N TRP B 34 -5.13 35.56 -19.69
CA TRP B 34 -5.77 34.59 -18.80
C TRP B 34 -5.69 35.07 -17.37
N THR B 35 -6.83 35.39 -16.78
CA THR B 35 -6.85 35.68 -15.35
C THR B 35 -7.25 34.40 -14.63
N GLY B 36 -6.50 34.04 -13.59
CA GLY B 36 -6.73 32.76 -12.95
C GLY B 36 -6.33 32.65 -11.48
N SER B 37 -6.59 31.48 -10.91
CA SER B 37 -6.30 31.22 -9.51
C SER B 37 -5.41 30.00 -9.37
N PHE B 38 -4.25 30.21 -8.76
CA PHE B 38 -3.28 29.16 -8.52
C PHE B 38 -3.66 28.40 -7.26
N HIS B 39 -3.60 27.08 -7.30
CA HIS B 39 -3.92 26.27 -6.12
C HIS B 39 -2.80 25.28 -5.85
N GLN B 40 -2.37 25.20 -4.60
CA GLN B 40 -1.38 24.20 -4.20
C GLN B 40 -2.02 23.22 -3.22
N PHE B 41 -2.11 21.96 -3.61
CA PHE B 41 -2.64 20.92 -2.74
C PHE B 41 -1.52 19.99 -2.30
N ASP B 42 -1.75 19.24 -1.22
CA ASP B 42 -0.85 18.15 -0.88
C ASP B 42 -1.47 16.83 -1.36
N GLY B 43 -0.80 15.71 -1.10
CA GLY B 43 -1.25 14.42 -1.57
C GLY B 43 -2.62 13.98 -1.08
N ASN B 44 -3.13 14.64 -0.05
CA ASN B 44 -4.44 14.28 0.47
C ASN B 44 -5.52 15.32 0.14
N GLY B 45 -5.20 16.21 -0.80
CA GLY B 45 -6.17 17.16 -1.32
C GLY B 45 -6.42 18.41 -0.48
N ASN B 46 -5.57 18.63 0.51
CA ASN B 46 -5.69 19.81 1.37
C ASN B 46 -5.23 21.07 0.66
N LEU B 47 -6.10 22.07 0.55
CA LEU B 47 -5.72 23.34 -0.06
C LEU B 47 -4.72 24.09 0.82
N LEU B 48 -3.53 24.33 0.29
CA LEU B 48 -2.49 25.01 1.07
C LEU B 48 -2.46 26.50 0.78
N HIS B 49 -2.55 26.86 -0.50
CA HIS B 49 -2.52 28.27 -0.89
C HIS B 49 -3.31 28.50 -2.16
N LYS B 50 -4.05 29.61 -2.18
CA LYS B 50 -4.73 30.05 -3.36
C LYS B 50 -4.15 31.40 -3.72
N ILE B 51 -3.57 31.51 -4.90
CA ILE B 51 -2.87 32.71 -5.28
C ILE B 51 -3.44 33.25 -6.58
N ASP B 52 -3.82 34.52 -6.55
CA ASP B 52 -4.31 35.17 -7.74
C ASP B 52 -3.20 35.35 -8.76
N THR B 53 -3.47 34.96 -10.00
CA THR B 53 -2.49 35.06 -11.09
C THR B 53 -3.14 35.61 -12.35
N ARG B 54 -2.33 36.26 -13.18
CA ARG B 54 -2.73 36.65 -14.52
C ARG B 54 -1.69 36.08 -15.46
N LEU B 55 -2.12 35.59 -16.62
CA LEU B 55 -1.21 34.99 -17.59
C LEU B 55 -1.39 35.60 -18.96
N SER B 56 -0.29 36.11 -19.52
CA SER B 56 -0.33 36.74 -20.83
C SER B 56 0.41 35.90 -21.88
N ALA B 57 -0.32 35.36 -22.85
CA ALA B 57 0.27 34.48 -23.87
C ALA B 57 0.12 35.04 -25.29
N SER B 58 1.23 35.14 -26.01
CA SER B 58 1.23 35.67 -27.36
C SER B 58 2.13 34.85 -28.28
N SER B 59 2.07 35.13 -29.58
CA SER B 59 2.92 34.43 -30.55
C SER B 59 3.83 35.39 -31.32
N TYR B 60 4.92 34.85 -31.84
CA TYR B 60 5.85 35.61 -32.67
C TYR B 60 6.32 34.69 -33.79
N GLY B 61 6.73 35.27 -34.91
CA GLY B 61 7.18 34.48 -36.04
C GLY B 61 6.04 33.73 -36.70
N GLU B 62 6.34 33.01 -37.77
CA GLU B 62 5.32 32.24 -38.48
C GLU B 62 5.85 30.90 -38.95
N ASP B 63 4.94 30.02 -39.35
CA ASP B 63 5.26 28.69 -39.85
C ASP B 63 6.17 27.91 -38.89
N GLU B 64 7.21 27.30 -39.42
CA GLU B 64 8.08 26.46 -38.61
C GLU B 64 8.87 27.25 -37.57
N LEU B 65 8.87 28.57 -37.69
CA LEU B 65 9.59 29.42 -36.74
C LEU B 65 8.65 30.03 -35.70
N LEU B 66 7.40 29.57 -35.72
CA LEU B 66 6.36 30.05 -34.80
C LEU B 66 6.74 29.76 -33.36
N SER B 67 6.52 30.73 -32.47
CA SER B 67 6.89 30.55 -31.08
C SER B 67 5.78 31.03 -30.15
N LEU B 68 5.67 30.43 -28.97
CA LEU B 68 4.70 30.88 -27.99
C LEU B 68 5.44 31.47 -26.79
N ASN B 69 5.37 32.79 -26.65
CA ASN B 69 5.92 33.49 -25.51
C ASN B 69 4.82 33.76 -24.49
N GLN B 70 5.10 33.54 -23.22
CA GLN B 70 4.10 33.80 -22.19
C GLN B 70 4.68 34.32 -20.89
N SER B 71 3.98 35.27 -20.29
CA SER B 71 4.39 35.83 -19.00
C SER B 71 3.33 35.59 -17.92
N LEU B 72 3.79 35.10 -16.77
CA LEU B 72 2.94 34.84 -15.61
C LEU B 72 3.10 35.95 -14.59
N TYR B 73 1.99 36.54 -14.15
CA TYR B 73 2.04 37.60 -13.15
C TYR B 73 1.46 37.14 -11.81
N ILE B 74 2.27 37.27 -10.76
CA ILE B 74 1.91 36.75 -9.46
C ILE B 74 1.59 37.92 -8.52
N LYS B 75 0.47 37.79 -7.81
CA LYS B 75 -0.02 38.85 -6.95
C LYS B 75 0.70 38.98 -5.61
N GLN B 76 1.15 40.21 -5.33
CA GLN B 76 1.77 40.65 -4.07
C GLN B 76 3.25 40.26 -3.89
N PRO B 77 4.15 40.88 -4.68
CA PRO B 77 5.59 40.59 -4.61
C PRO B 77 6.19 40.97 -3.25
N TRP B 93 1.97 43.33 -8.44
CA TRP B 93 2.18 42.17 -9.31
C TRP B 93 3.64 42.03 -9.76
N VAL B 94 4.13 40.80 -9.79
CA VAL B 94 5.48 40.50 -10.25
C VAL B 94 5.47 39.52 -11.43
N GLU B 95 6.36 39.74 -12.39
CA GLU B 95 6.40 38.96 -13.62
C GLU B 95 7.37 37.78 -13.54
N TYR B 96 6.95 36.64 -14.08
CA TYR B 96 7.84 35.51 -14.29
C TYR B 96 7.91 35.24 -15.79
N LYS B 97 9.13 35.23 -16.35
CA LYS B 97 9.28 34.92 -17.77
C LYS B 97 9.37 33.42 -18.04
N ILE B 98 8.27 32.86 -18.51
CA ILE B 98 8.21 31.45 -18.88
C ILE B 98 9.05 31.20 -20.12
N LYS B 99 9.78 30.08 -20.11
CA LYS B 99 10.61 29.64 -21.23
C LYS B 99 9.83 29.66 -22.53
N GLU B 100 10.46 30.18 -23.58
CA GLU B 100 9.86 30.23 -24.90
C GLU B 100 9.49 28.81 -25.39
N THR B 101 8.32 28.69 -26.02
CA THR B 101 7.86 27.43 -26.60
C THR B 101 7.93 27.47 -28.13
N ASN B 102 8.67 26.56 -28.74
CA ASN B 102 8.78 26.52 -30.20
C ASN B 102 8.74 25.09 -30.75
N MET B 103 8.99 24.94 -32.05
CA MET B 103 8.93 23.62 -32.71
C MET B 103 9.95 22.62 -32.13
N PHE B 104 11.08 23.14 -31.67
CA PHE B 104 12.13 22.32 -31.07
C PHE B 104 11.76 21.87 -29.66
N THR B 105 11.27 22.79 -28.84
CA THR B 105 10.98 22.45 -27.45
C THR B 105 9.80 21.51 -27.28
N VAL B 106 8.73 21.72 -28.05
CA VAL B 106 7.53 20.89 -27.90
C VAL B 106 7.80 19.42 -28.16
N ASP B 107 8.78 19.14 -29.01
CA ASP B 107 9.08 17.76 -29.40
C ASP B 107 10.16 17.18 -28.51
N LYS B 108 11.25 17.93 -28.38
CA LYS B 108 12.45 17.44 -27.74
C LYS B 108 12.41 17.56 -26.23
N TYR B 109 11.79 18.63 -25.72
CA TYR B 109 11.83 18.90 -24.27
C TYR B 109 10.51 18.56 -23.58
N GLN B 110 9.40 19.01 -24.17
CA GLN B 110 8.10 18.94 -23.51
C GLN B 110 7.28 17.70 -23.86
N GLN B 111 7.68 16.99 -24.92
CA GLN B 111 6.95 15.82 -25.40
C GLN B 111 5.46 16.09 -25.46
N ILE B 112 5.10 17.16 -26.17
CA ILE B 112 3.72 17.63 -26.20
C ILE B 112 2.76 16.51 -26.65
N GLY B 113 1.71 16.34 -25.88
CA GLY B 113 0.58 15.53 -26.32
C GLY B 113 -0.46 16.57 -26.63
N PHE B 114 -0.88 16.68 -27.89
CA PHE B 114 -1.76 17.77 -28.26
C PHE B 114 -3.01 17.31 -28.98
N PHE B 115 -4.17 17.75 -28.49
CA PHE B 115 -5.46 17.40 -29.07
C PHE B 115 -6.17 18.66 -29.57
N PRO B 116 -6.10 18.92 -30.89
CA PRO B 116 -6.68 20.13 -31.47
C PRO B 116 -8.21 20.18 -31.37
N LYS B 117 -8.88 19.12 -31.83
CA LYS B 117 -10.33 19.09 -31.82
C LYS B 117 -10.93 19.10 -30.42
N GLU B 118 -10.28 18.38 -29.50
CA GLU B 118 -10.81 18.20 -28.16
C GLU B 118 -10.35 19.32 -27.25
N ARG B 119 -9.36 20.08 -27.72
CA ARG B 119 -8.80 21.20 -26.98
C ARG B 119 -8.25 20.77 -25.63
N ALA B 120 -7.19 19.98 -25.67
CA ALA B 120 -6.50 19.51 -24.47
C ALA B 120 -5.02 19.31 -24.78
N PHE B 121 -4.16 19.39 -23.78
CA PHE B 121 -2.73 19.11 -24.00
C PHE B 121 -1.97 18.70 -22.74
N SER B 122 -0.90 17.93 -22.93
CA SER B 122 0.01 17.53 -21.85
C SER B 122 1.41 18.03 -22.17
N LEU B 123 2.13 18.50 -21.16
CA LEU B 123 3.49 18.97 -21.37
C LEU B 123 4.42 18.52 -20.26
N ARG B 124 5.67 18.27 -20.61
CA ARG B 124 6.70 17.98 -19.61
CA ARG B 124 6.67 17.99 -19.59
C ARG B 124 7.48 19.24 -19.30
N TYR B 125 7.74 19.47 -18.01
CA TYR B 125 8.59 20.56 -17.59
C TYR B 125 9.88 19.95 -17.02
N GLN B 126 11.01 20.62 -17.27
CA GLN B 126 12.30 20.14 -16.84
C GLN B 126 12.46 20.32 -15.35
N THR B 127 11.79 21.35 -14.84
CA THR B 127 11.91 21.77 -13.45
C THR B 127 10.60 22.41 -13.02
N ALA B 128 10.42 22.55 -11.71
CA ALA B 128 9.20 23.18 -11.20
C ALA B 128 9.45 24.64 -10.79
N GLY B 129 10.49 25.24 -11.39
CA GLY B 129 10.91 26.58 -11.03
C GLY B 129 9.83 27.64 -11.16
N MET B 130 9.05 27.56 -12.23
CA MET B 130 7.96 28.50 -12.47
C MET B 130 6.92 28.38 -11.35
N LEU B 131 6.77 27.18 -10.81
CA LEU B 131 5.83 26.90 -9.74
C LEU B 131 6.39 27.33 -8.36
N ASP B 132 7.70 27.23 -8.20
CA ASP B 132 8.39 27.70 -7.00
C ASP B 132 8.25 29.20 -6.82
N THR B 133 8.56 29.94 -7.86
CA THR B 133 8.51 31.40 -7.85
C THR B 133 7.09 31.89 -7.58
N THR B 134 6.11 31.20 -8.16
CA THR B 134 4.71 31.55 -7.96
C THR B 134 4.32 31.46 -6.48
N LEU B 135 4.85 30.44 -5.79
CA LEU B 135 4.59 30.26 -4.37
C LEU B 135 5.25 31.34 -3.53
N ARG B 136 6.53 31.61 -3.79
CA ARG B 136 7.28 32.64 -3.08
C ARG B 136 6.61 34.01 -3.17
N GLN B 137 6.38 34.46 -4.40
CA GLN B 137 5.81 35.77 -4.66
C GLN B 137 4.35 35.86 -4.25
N GLY B 138 3.63 34.75 -4.35
CA GLY B 138 2.22 34.75 -4.04
C GLY B 138 1.94 34.65 -2.54
N VAL B 139 2.94 34.24 -1.78
CA VAL B 139 2.77 34.06 -0.33
C VAL B 139 3.69 34.99 0.48
N LEU B 140 4.91 35.20 -0.04
CA LEU B 140 5.89 36.05 0.65
C LEU B 140 6.22 37.32 -0.13
N GLY B 141 7.31 37.98 0.27
CA GLY B 141 7.82 39.16 -0.42
C GLY B 141 8.48 38.80 -1.74
N LEU B 153 5.51 27.00 4.45
CA LEU B 153 5.41 27.06 2.98
C LEU B 153 6.10 25.86 2.32
N LYS B 154 5.31 25.08 1.59
CA LYS B 154 5.78 23.90 0.86
C LYS B 154 6.31 24.21 -0.54
N LEU B 155 7.63 24.23 -0.69
CA LEU B 155 8.25 24.50 -1.99
C LEU B 155 8.60 23.20 -2.71
N PRO B 156 8.48 23.19 -4.04
CA PRO B 156 8.80 21.98 -4.80
C PRO B 156 10.31 21.77 -4.82
N SER B 157 10.74 20.52 -4.87
CA SER B 157 12.16 20.18 -4.87
C SER B 157 12.92 20.88 -6.00
N ARG B 158 14.21 21.10 -5.79
CA ARG B 158 15.02 21.76 -6.81
C ARG B 158 15.26 20.87 -8.03
N ARG B 159 15.35 19.56 -7.80
CA ARG B 159 15.57 18.62 -8.90
C ARG B 159 14.54 17.50 -8.88
N PRO B 160 13.27 17.83 -9.23
CA PRO B 160 12.20 16.83 -9.22
C PRO B 160 12.42 15.79 -10.29
N SER B 161 11.87 14.59 -10.09
CA SER B 161 12.06 13.50 -11.04
C SER B 161 11.11 13.59 -12.23
N LEU B 162 9.97 14.24 -12.02
CA LEU B 162 8.95 14.37 -13.05
C LEU B 162 8.07 15.57 -12.74
N VAL B 163 7.88 16.45 -13.72
CA VAL B 163 6.94 17.55 -13.59
C VAL B 163 6.05 17.58 -14.81
N CYS B 164 4.77 17.30 -14.62
CA CYS B 164 3.86 17.14 -15.74
C CYS B 164 2.62 18.02 -15.66
N GLU B 165 2.30 18.66 -16.78
CA GLU B 165 1.11 19.49 -16.87
C GLU B 165 0.08 18.83 -17.78
N ASN B 166 -1.15 18.76 -17.28
CA ASN B 166 -2.28 18.29 -18.09
C ASN B 166 -3.35 19.38 -18.15
N CYS B 167 -3.75 19.76 -19.36
CA CYS B 167 -4.64 20.89 -19.51
C CYS B 167 -5.92 20.51 -20.22
N LEU B 168 -7.04 20.81 -19.57
CA LEU B 168 -8.37 20.57 -20.14
C LEU B 168 -9.08 21.89 -20.33
N TYR B 169 -9.85 21.98 -21.41
CA TYR B 169 -10.64 23.16 -21.67
C TYR B 169 -12.12 22.88 -21.43
N SER B 170 -12.85 23.87 -20.92
CA SER B 170 -14.28 23.73 -20.71
C SER B 170 -15.02 23.87 -22.03
N LYS B 171 -16.15 23.18 -22.17
CA LYS B 171 -16.91 23.26 -23.42
C LYS B 171 -18.01 24.31 -23.32
N GLU B 172 -18.31 24.73 -22.10
CA GLU B 172 -19.37 25.71 -21.82
C GLU B 172 -18.81 27.12 -21.74
N ILE B 173 -17.79 27.31 -20.90
CA ILE B 173 -17.18 28.62 -20.71
C ILE B 173 -15.79 28.62 -21.34
N ASP B 174 -15.26 29.81 -21.68
CA ASP B 174 -13.91 29.91 -22.20
C ASP B 174 -12.92 29.92 -21.05
N ARG B 175 -12.86 28.80 -20.33
CA ARG B 175 -11.89 28.61 -19.26
C ARG B 175 -11.19 27.25 -19.34
N ARG B 176 -9.99 27.18 -18.75
CA ARG B 176 -9.21 25.97 -18.75
C ARG B 176 -8.68 25.68 -17.36
N ALA B 177 -8.32 24.43 -17.11
CA ALA B 177 -7.69 24.06 -15.86
C ALA B 177 -6.37 23.38 -16.20
N ARG B 178 -5.29 23.82 -15.59
CA ARG B 178 -3.99 23.26 -15.90
C ARG B 178 -3.41 22.59 -14.65
N ALA B 179 -3.46 21.26 -14.64
CA ALA B 179 -3.07 20.49 -13.48
C ALA B 179 -1.61 20.05 -13.57
N PHE B 180 -0.88 20.18 -12.46
CA PHE B 180 0.53 19.81 -12.42
C PHE B 180 0.77 18.73 -11.38
N HIS B 181 1.39 17.63 -11.80
CA HIS B 181 1.92 16.66 -10.87
C HIS B 181 3.38 17.03 -10.65
N ILE B 182 3.82 17.00 -9.40
CA ILE B 182 5.24 17.16 -9.10
C ILE B 182 5.70 16.07 -8.14
N MET B 183 6.64 15.23 -8.57
CA MET B 183 7.15 14.17 -7.73
C MET B 183 8.58 14.49 -7.27
N ASP B 184 8.89 14.18 -6.01
CA ASP B 184 10.23 14.41 -5.47
C ASP B 184 11.27 13.54 -6.21
N PRO B 185 12.58 13.80 -6.03
CA PRO B 185 13.56 13.03 -6.78
C PRO B 185 13.52 11.51 -6.62
N LYS B 186 12.77 11.02 -5.64
CA LYS B 186 12.66 9.57 -5.44
C LYS B 186 11.36 9.02 -6.02
N GLY B 187 10.65 9.84 -6.80
CA GLY B 187 9.47 9.39 -7.52
C GLY B 187 8.18 9.41 -6.71
N VAL B 188 8.19 10.07 -5.55
CA VAL B 188 6.99 10.19 -4.72
C VAL B 188 6.37 11.58 -4.87
N LEU B 189 5.05 11.62 -5.07
CA LEU B 189 4.29 12.86 -5.23
C LEU B 189 4.52 13.79 -4.05
N GLU B 190 4.87 15.04 -4.32
CA GLU B 190 5.12 15.98 -3.22
C GLU B 190 4.16 17.17 -3.20
N MET B 191 3.62 17.54 -4.36
CA MET B 191 2.53 18.51 -4.43
C MET B 191 1.72 18.39 -5.73
N LEU B 192 0.51 18.91 -5.71
CA LEU B 192 -0.34 18.99 -6.89
C LEU B 192 -0.71 20.46 -7.06
N ILE B 193 -0.73 20.94 -8.29
CA ILE B 193 -1.03 22.34 -8.53
C ILE B 193 -2.10 22.44 -9.59
N VAL B 194 -3.10 23.28 -9.35
CA VAL B 194 -4.14 23.49 -10.33
C VAL B 194 -4.34 24.98 -10.56
N PHE B 195 -4.04 25.43 -11.76
CA PHE B 195 -4.39 26.77 -12.21
C PHE B 195 -5.80 26.72 -12.79
N LEU B 196 -6.74 27.46 -12.21
CA LEU B 196 -8.04 27.61 -12.84
C LEU B 196 -8.09 28.99 -13.52
N GLU B 197 -8.20 29.01 -14.84
CA GLU B 197 -8.02 30.26 -15.58
C GLU B 197 -9.15 30.55 -16.57
N GLU B 198 -9.56 31.82 -16.64
CA GLU B 198 -10.53 32.26 -17.63
C GLU B 198 -9.92 33.32 -18.55
N ARG B 199 -10.29 33.28 -19.82
CA ARG B 199 -9.71 34.17 -20.84
C ARG B 199 -10.56 35.41 -21.07
N GLY B 200 -9.91 36.56 -21.23
CA GLY B 200 -10.61 37.82 -21.44
C GLY B 200 -9.89 38.78 -22.37
N ASN B 203 -8.84 41.52 -18.40
CA ASN B 203 -8.88 42.10 -17.05
C ASN B 203 -10.12 41.66 -16.28
N LEU B 204 -10.28 40.35 -16.12
CA LEU B 204 -11.46 39.76 -15.48
C LEU B 204 -11.28 39.58 -13.98
N ALA B 205 -12.16 38.78 -13.40
CA ALA B 205 -12.10 38.47 -11.97
C ALA B 205 -11.44 37.11 -11.82
N HIS B 206 -11.22 36.65 -10.60
CA HIS B 206 -10.43 35.44 -10.40
C HIS B 206 -11.30 34.25 -10.05
N PRO B 207 -11.14 33.15 -10.82
CA PRO B 207 -11.99 31.95 -10.77
C PRO B 207 -11.95 31.20 -9.44
N VAL B 208 -13.02 30.43 -9.21
CA VAL B 208 -13.23 29.76 -7.94
C VAL B 208 -13.55 28.27 -8.11
N LEU B 209 -12.92 27.44 -7.29
CA LEU B 209 -13.23 26.01 -7.28
C LEU B 209 -14.35 25.74 -6.28
N ASP B 210 -14.06 26.00 -5.00
CA ASP B 210 -15.00 25.80 -3.90
C ASP B 210 -15.52 24.37 -3.80
N ALA B 216 -21.29 15.85 0.69
CA ALA B 216 -20.14 16.70 0.93
C ALA B 216 -18.85 15.94 0.64
N GLU B 217 -18.93 14.62 0.63
CA GLU B 217 -17.77 13.78 0.35
C GLU B 217 -17.37 13.96 -1.10
N ARG B 218 -16.09 14.24 -1.35
CA ARG B 218 -15.65 14.63 -2.68
C ARG B 218 -15.80 13.53 -3.73
N ILE B 219 -15.71 12.28 -3.32
CA ILE B 219 -15.71 11.18 -4.28
C ILE B 219 -17.09 10.90 -4.89
N ASN B 220 -18.14 11.38 -4.23
CA ASN B 220 -19.51 11.02 -4.63
C ASN B 220 -19.90 11.23 -6.11
N PRO B 221 -19.70 12.45 -6.64
CA PRO B 221 -20.11 12.63 -8.05
C PRO B 221 -19.30 11.79 -9.05
N PHE B 222 -18.16 11.26 -8.62
CA PHE B 222 -17.31 10.43 -9.48
C PHE B 222 -17.79 8.99 -9.50
N LEU B 223 -18.45 8.58 -8.41
CA LEU B 223 -19.00 7.24 -8.30
C LEU B 223 -20.06 6.99 -9.36
N GLY B 224 -20.13 5.75 -9.84
CA GLY B 224 -21.10 5.41 -10.85
C GLY B 224 -20.51 4.84 -12.11
N THR B 225 -21.31 4.84 -13.17
CA THR B 225 -20.88 4.32 -14.46
C THR B 225 -20.72 5.45 -15.45
N TRP B 226 -19.50 5.60 -15.98
CA TRP B 226 -19.24 6.62 -16.99
C TRP B 226 -18.93 5.95 -18.31
N LYS B 227 -19.64 6.36 -19.36
CA LYS B 227 -19.29 5.91 -20.70
C LYS B 227 -19.11 7.08 -21.66
N GLY B 228 -18.25 6.89 -22.66
CA GLY B 228 -17.89 7.96 -23.56
C GLY B 228 -16.90 7.50 -24.60
N ARG B 229 -16.07 8.43 -25.08
CA ARG B 229 -15.09 8.10 -26.09
C ARG B 229 -13.71 8.56 -25.67
N SER B 230 -12.67 7.86 -26.12
CA SER B 230 -11.31 8.29 -25.84
C SER B 230 -10.50 8.33 -27.12
N VAL B 231 -9.42 9.10 -27.10
CA VAL B 231 -8.51 9.14 -28.24
C VAL B 231 -7.06 9.23 -27.76
N THR B 232 -6.24 8.27 -28.17
CA THR B 232 -4.85 8.21 -27.75
C THR B 232 -3.93 8.73 -28.85
N LYS B 233 -3.12 9.73 -28.51
CA LYS B 233 -2.17 10.30 -29.44
C LYS B 233 -0.74 10.01 -28.99
N ARG B 234 0.10 9.58 -29.94
CA ARG B 234 1.51 9.40 -29.65
C ARG B 234 2.08 10.77 -29.29
N SER B 235 2.96 10.82 -28.29
CA SER B 235 3.54 12.10 -27.89
C SER B 235 4.39 12.67 -29.01
N GLY B 236 4.60 13.98 -29.00
CA GLY B 236 5.27 14.65 -30.10
C GLY B 236 4.30 15.57 -30.87
N VAL B 237 4.85 16.60 -31.49
CA VAL B 237 4.03 17.62 -32.14
C VAL B 237 3.25 17.06 -33.33
N TYR B 238 3.80 16.07 -34.01
CA TYR B 238 3.12 15.44 -35.12
C TYR B 238 1.78 14.86 -34.67
N GLY B 239 1.79 14.20 -33.51
CA GLY B 239 0.57 13.76 -32.89
C GLY B 239 -0.19 12.68 -33.64
N ALA B 240 0.51 11.61 -34.00
CA ALA B 240 -0.15 10.49 -34.68
C ALA B 240 -1.20 9.88 -33.75
N THR B 241 -2.39 9.63 -34.28
CA THR B 241 -3.42 8.94 -33.52
C THR B 241 -3.17 7.44 -33.52
N LEU B 242 -2.92 6.89 -32.35
CA LEU B 242 -2.65 5.47 -32.20
C LEU B 242 -3.96 4.68 -32.15
N SER B 243 -4.98 5.26 -31.53
CA SER B 243 -6.29 4.61 -31.42
C SER B 243 -7.42 5.54 -31.00
N GLU B 244 -8.65 5.05 -31.16
CA GLU B 244 -9.83 5.70 -30.62
C GLU B 244 -10.70 4.57 -30.11
N ALA B 245 -11.52 4.85 -29.10
CA ALA B 245 -12.25 3.78 -28.44
C ALA B 245 -13.53 4.19 -27.76
N ASP B 246 -14.43 3.23 -27.60
CA ASP B 246 -15.58 3.40 -26.74
C ASP B 246 -15.15 2.96 -25.35
N THR B 247 -15.36 3.82 -24.36
CA THR B 247 -14.85 3.55 -23.02
C THR B 247 -15.97 3.38 -22.01
N VAL B 248 -15.75 2.52 -21.02
CA VAL B 248 -16.65 2.38 -19.88
C VAL B 248 -15.85 2.39 -18.59
N ALA B 249 -16.05 3.42 -17.78
CA ALA B 249 -15.37 3.50 -16.49
C ALA B 249 -16.37 3.35 -15.34
N VAL B 250 -16.14 2.36 -14.49
CA VAL B 250 -17.02 2.12 -13.36
C VAL B 250 -16.27 2.27 -12.05
N LEU B 251 -16.74 3.18 -11.20
CA LEU B 251 -16.13 3.44 -9.91
C LEU B 251 -17.17 3.28 -8.79
N GLU B 252 -16.85 2.45 -7.79
CA GLU B 252 -17.76 2.16 -6.68
C GLU B 252 -17.06 2.16 -5.33
N MET B 253 -17.80 2.50 -4.28
CA MET B 253 -17.28 2.46 -2.92
C MET B 253 -18.33 2.01 -1.91
N ASN B 254 -18.05 0.97 -1.17
CA ASN B 254 -18.99 0.57 -0.17
C ASN B 254 -18.93 1.43 1.04
N ASP B 255 -19.24 0.86 2.17
CA ASP B 255 -19.44 1.65 3.33
C ASP B 255 -18.23 1.59 4.20
N LYS B 256 -17.50 0.50 4.10
CA LYS B 256 -16.28 0.32 4.82
C LYS B 256 -15.11 1.00 4.15
N GLY B 257 -15.35 1.55 2.97
CA GLY B 257 -14.40 2.39 2.29
C GLY B 257 -13.58 1.73 1.23
N GLN B 258 -14.01 0.56 0.81
CA GLN B 258 -13.32 -0.15 -0.19
C GLN B 258 -13.88 0.27 -1.50
N VAL B 259 -12.98 0.64 -2.36
CA VAL B 259 -13.20 1.18 -3.69
C VAL B 259 -12.86 0.13 -4.75
N VAL B 260 -13.73 0.01 -5.73
CA VAL B 260 -13.50 -0.89 -6.85
C VAL B 260 -13.60 -0.09 -8.15
N GLN B 261 -12.63 -0.26 -9.03
CA GLN B 261 -12.68 0.42 -10.32
C GLN B 261 -12.50 -0.50 -11.50
N ASP B 262 -13.42 -0.40 -12.45
CA ASP B 262 -13.34 -1.15 -13.68
C ASP B 262 -13.31 -0.15 -14.83
N ILE B 263 -12.30 -0.26 -15.69
CA ILE B 263 -12.26 0.56 -16.89
C ILE B 263 -12.24 -0.34 -18.13
N SER B 264 -13.20 -0.12 -19.02
CA SER B 264 -13.34 -0.95 -20.20
C SER B 264 -13.06 -0.11 -21.44
N SER B 265 -12.27 -0.66 -22.35
CA SER B 265 -11.89 0.10 -23.54
C SER B 265 -11.96 -0.76 -24.83
N THR B 266 -12.91 -0.43 -25.68
CA THR B 266 -13.09 -1.14 -26.95
C THR B 266 -12.68 -0.22 -28.09
N SER B 267 -11.65 -0.64 -28.81
CA SER B 267 -11.03 0.13 -29.89
C SER B 267 -11.75 -0.08 -31.22
N ASP B 268 -11.91 1.00 -31.99
CA ASP B 268 -12.69 0.99 -33.23
C ASP B 268 -12.05 0.21 -34.37
N GLU B 269 -10.83 0.59 -34.75
CA GLU B 269 -10.10 -0.05 -35.83
C GLU B 269 -9.51 -1.43 -35.52
N LYS B 270 -8.78 -1.51 -34.41
CA LYS B 270 -7.99 -2.69 -34.07
C LYS B 270 -8.78 -3.88 -33.54
N LYS B 271 -10.08 -3.70 -33.25
CA LYS B 271 -10.89 -4.77 -32.67
C LYS B 271 -10.29 -5.37 -31.38
N VAL B 272 -9.90 -4.51 -30.44
CA VAL B 272 -9.40 -5.01 -29.16
C VAL B 272 -10.28 -4.47 -28.04
N THR B 273 -10.49 -5.30 -27.00
CA THR B 273 -11.21 -4.84 -25.83
C THR B 273 -10.43 -5.18 -24.58
N THR B 274 -10.11 -4.15 -23.81
CA THR B 274 -9.39 -4.33 -22.56
C THR B 274 -10.25 -3.95 -21.36
N ASN B 275 -10.24 -4.81 -20.35
CA ASN B 275 -10.88 -4.51 -19.07
C ASN B 275 -9.81 -4.47 -17.99
N VAL B 276 -9.79 -3.41 -17.20
CA VAL B 276 -8.88 -3.33 -16.06
C VAL B 276 -9.64 -3.11 -14.76
N HIS B 277 -9.42 -4.01 -13.80
CA HIS B 277 -10.14 -4.01 -12.53
C HIS B 277 -9.18 -3.78 -11.37
N TRP B 278 -9.37 -2.66 -10.65
CA TRP B 278 -8.52 -2.32 -9.51
C TRP B 278 -9.35 -2.17 -8.24
N GLU B 279 -8.75 -2.56 -7.11
CA GLU B 279 -9.39 -2.42 -5.80
C GLU B 279 -8.52 -1.61 -4.84
N GLY B 280 -9.14 -0.78 -4.01
CA GLY B 280 -8.41 0.02 -3.04
C GLY B 280 -9.26 0.48 -1.88
N LYS B 281 -8.69 1.33 -1.02
CA LYS B 281 -9.40 1.84 0.16
C LYS B 281 -9.44 3.36 0.11
N MET B 282 -10.56 3.93 0.54
CA MET B 282 -10.68 5.38 0.53
C MET B 282 -10.38 5.86 1.93
N SER B 283 -9.65 6.98 2.02
CA SER B 283 -9.28 7.52 3.31
C SER B 283 -8.83 8.97 3.21
N LYS B 284 -9.66 9.86 3.73
CA LYS B 284 -9.32 11.29 3.78
C LYS B 284 -9.00 11.83 2.39
N ASP B 285 -9.97 11.70 1.49
CA ASP B 285 -9.85 12.20 0.11
C ASP B 285 -8.70 11.58 -0.71
N LEU B 286 -8.20 10.42 -0.28
CA LEU B 286 -7.13 9.76 -1.01
C LEU B 286 -7.37 8.25 -1.17
N VAL B 287 -7.69 7.84 -2.39
CA VAL B 287 -7.85 6.43 -2.70
C VAL B 287 -6.49 5.80 -3.00
N THR B 288 -6.16 4.73 -2.27
CA THR B 288 -4.91 4.01 -2.50
C THR B 288 -5.22 2.59 -3.03
N PHE B 289 -4.86 2.34 -4.29
CA PHE B 289 -5.03 1.02 -4.86
C PHE B 289 -3.83 0.16 -4.50
N ALA B 290 -4.02 -1.14 -4.46
CA ALA B 290 -2.95 -2.06 -4.13
C ALA B 290 -1.99 -2.20 -5.31
N GLU B 291 -2.35 -1.60 -6.44
CA GLU B 291 -1.66 -1.74 -7.71
C GLU B 291 -0.15 -1.34 -7.84
N GLY B 292 0.31 -0.22 -7.27
CA GLY B 292 -0.45 0.69 -6.44
C GLY B 292 -0.53 2.12 -6.96
N TYR B 293 -1.67 2.43 -7.54
CA TYR B 293 -1.95 3.74 -8.07
C TYR B 293 -2.64 4.49 -6.94
N GLN B 294 -2.71 5.82 -7.05
CA GLN B 294 -3.43 6.61 -6.04
C GLN B 294 -4.09 7.82 -6.68
N MET B 295 -5.38 8.01 -6.43
CA MET B 295 -6.02 9.25 -6.86
C MET B 295 -6.49 10.08 -5.68
N THR B 296 -6.01 11.31 -5.63
CA THR B 296 -6.45 12.25 -4.62
C THR B 296 -7.59 13.09 -5.18
N LEU B 297 -8.65 13.24 -4.39
CA LEU B 297 -9.85 13.94 -4.82
C LEU B 297 -9.79 15.40 -4.40
N LEU B 298 -10.07 16.29 -5.35
CA LEU B 298 -9.88 17.73 -5.17
C LEU B 298 -11.21 18.48 -5.16
N PRO B 299 -11.20 19.77 -4.74
CA PRO B 299 -12.38 20.63 -4.92
C PRO B 299 -12.72 20.82 -6.39
N GLY B 300 -13.90 21.40 -6.67
CA GLY B 300 -14.26 21.79 -8.02
C GLY B 300 -14.60 20.66 -8.98
N GLY B 301 -14.72 19.45 -8.46
CA GLY B 301 -15.01 18.30 -9.29
C GLY B 301 -13.78 17.84 -10.04
N MET B 302 -12.63 17.92 -9.38
CA MET B 302 -11.39 17.47 -9.99
C MET B 302 -10.81 16.30 -9.23
N TYR B 303 -10.06 15.46 -9.94
CA TYR B 303 -9.15 14.55 -9.28
C TYR B 303 -7.87 14.34 -10.09
N MET B 304 -6.81 13.93 -9.41
CA MET B 304 -5.53 13.73 -10.05
C MET B 304 -4.97 12.39 -9.58
N GLY B 305 -4.48 11.61 -10.53
CA GLY B 305 -4.02 10.26 -10.23
C GLY B 305 -2.60 10.05 -10.70
N CYS B 306 -1.88 9.20 -9.98
CA CYS B 306 -0.47 8.90 -10.28
C CYS B 306 -0.06 7.70 -9.45
N PRO B 307 1.05 7.03 -9.82
CA PRO B 307 1.51 5.92 -8.98
C PRO B 307 2.10 6.43 -7.66
N CYS B 308 2.10 5.59 -6.63
CA CYS B 308 2.61 5.97 -5.30
C CYS B 308 4.08 6.34 -5.36
N ASP B 309 4.84 5.48 -6.01
CA ASP B 309 6.27 5.62 -6.12
C ASP B 309 6.67 5.31 -7.56
N VAL B 310 6.91 6.35 -8.35
CA VAL B 310 7.32 6.19 -9.75
C VAL B 310 8.61 5.37 -9.90
N SER B 311 9.52 5.50 -8.94
CA SER B 311 10.79 4.79 -9.00
C SER B 311 10.64 3.27 -8.94
N LYS B 312 9.55 2.81 -8.33
CA LYS B 312 9.25 1.37 -8.29
C LYS B 312 8.90 0.88 -9.67
N CYS B 313 8.10 1.67 -10.38
CA CYS B 313 7.73 1.38 -11.76
C CYS B 313 8.97 1.27 -12.65
N VAL B 314 9.85 2.28 -12.56
CA VAL B 314 11.08 2.29 -13.35
C VAL B 314 11.94 1.07 -13.05
N ALA B 315 12.04 0.71 -11.76
CA ALA B 315 12.83 -0.44 -11.35
C ALA B 315 12.24 -1.77 -11.83
N ASP B 316 10.90 -1.84 -11.86
CA ASP B 316 10.20 -3.04 -12.31
C ASP B 316 10.05 -3.12 -13.83
N LEU B 317 10.61 -2.12 -14.51
CA LEU B 317 10.50 -2.01 -15.96
C LEU B 317 9.06 -2.03 -16.46
N LYS B 318 8.19 -1.29 -15.78
CA LYS B 318 6.77 -1.21 -16.14
C LYS B 318 6.37 0.20 -16.56
N SER B 319 5.31 0.30 -17.37
CA SER B 319 4.73 1.59 -17.71
C SER B 319 3.92 2.10 -16.53
N PHE B 320 3.68 3.41 -16.53
CA PHE B 320 2.83 4.03 -15.54
C PHE B 320 2.16 5.23 -16.16
N HIS B 321 1.15 5.78 -15.50
CA HIS B 321 0.47 6.93 -16.04
C HIS B 321 0.06 7.93 -14.97
N LEU B 322 -0.08 9.19 -15.39
CA LEU B 322 -0.58 10.24 -14.53
C LEU B 322 -1.94 10.62 -15.10
N GLU B 323 -2.80 11.22 -14.27
CA GLU B 323 -4.18 11.45 -14.69
C GLU B 323 -4.78 12.75 -14.14
N PHE B 324 -5.56 13.43 -14.98
CA PHE B 324 -6.27 14.62 -14.56
C PHE B 324 -7.71 14.54 -15.04
N CYS B 325 -8.64 14.68 -14.09
CA CYS B 325 -10.07 14.59 -14.39
C CYS B 325 -10.79 15.83 -13.91
N TRP B 326 -11.73 16.29 -14.71
CA TRP B 326 -12.47 17.52 -14.43
C TRP B 326 -13.88 17.42 -14.98
N LEU B 327 -14.88 17.43 -14.10
CA LEU B 327 -16.25 17.43 -14.58
C LEU B 327 -16.89 18.81 -14.61
N GLU B 328 -17.62 19.10 -15.68
CA GLU B 328 -18.35 20.35 -15.84
C GLU B 328 -19.70 20.26 -15.11
N SER B 329 -20.43 19.18 -15.36
CA SER B 329 -21.70 18.94 -14.68
C SER B 329 -21.54 17.71 -13.78
N PRO B 330 -22.59 17.36 -13.01
CA PRO B 330 -22.48 16.09 -12.27
C PRO B 330 -22.72 14.84 -13.13
N SER B 331 -22.85 15.02 -14.44
CA SER B 331 -23.07 13.90 -15.33
C SER B 331 -22.21 13.97 -16.59
N SER B 332 -21.25 14.90 -16.59
CA SER B 332 -20.38 15.10 -17.74
C SER B 332 -18.96 15.47 -17.32
N ARG B 333 -17.99 14.73 -17.81
CA ARG B 333 -16.61 14.98 -17.41
C ARG B 333 -15.60 14.83 -18.54
N GLN B 334 -14.40 15.38 -18.34
CA GLN B 334 -13.30 15.15 -19.26
C GLN B 334 -12.11 14.60 -18.49
N ARG B 335 -11.35 13.71 -19.12
CA ARG B 335 -10.15 13.16 -18.50
C ARG B 335 -8.94 13.20 -19.43
N LEU B 336 -7.77 13.39 -18.85
CA LEU B 336 -6.54 13.39 -19.63
C LEU B 336 -5.53 12.47 -18.94
N ILE B 337 -5.02 11.50 -19.67
CA ILE B 337 -4.04 10.54 -19.13
C ILE B 337 -2.71 10.69 -19.86
N ARG B 338 -1.63 10.75 -19.09
CA ARG B 338 -0.28 10.82 -19.65
C ARG B 338 0.41 9.50 -19.38
N THR B 339 0.81 8.80 -20.44
CA THR B 339 1.41 7.48 -20.32
C THR B 339 2.94 7.49 -20.49
N TYR B 340 3.65 6.82 -19.59
CA TYR B 340 5.12 6.83 -19.59
C TYR B 340 5.73 5.45 -19.85
N ASP B 341 6.89 5.42 -20.51
CA ASP B 341 7.64 4.16 -20.63
C ASP B 341 8.42 3.89 -19.34
N HIS B 342 9.14 2.78 -19.31
CA HIS B 342 9.83 2.37 -18.10
C HIS B 342 11.02 3.26 -17.76
N GLU B 343 11.32 4.22 -18.64
CA GLU B 343 12.37 5.18 -18.39
C GLU B 343 11.84 6.56 -17.99
N GLY B 344 10.54 6.63 -17.70
CA GLY B 344 9.91 7.88 -17.29
C GLY B 344 9.75 8.85 -18.44
N LEU B 345 9.85 8.35 -19.66
CA LEU B 345 9.61 9.16 -20.85
C LEU B 345 8.15 9.05 -21.26
N ALA B 346 7.51 10.18 -21.52
CA ALA B 346 6.12 10.19 -21.97
C ALA B 346 6.02 9.67 -23.41
N VAL B 347 5.19 8.65 -23.61
CA VAL B 347 5.06 8.04 -24.94
C VAL B 347 3.73 8.39 -25.63
N SER B 348 2.68 8.64 -24.84
CA SER B 348 1.37 9.01 -25.39
C SER B 348 0.47 9.73 -24.37
N SER B 349 -0.57 10.38 -24.89
CA SER B 349 -1.60 10.97 -24.07
C SER B 349 -2.95 10.41 -24.50
N THR B 350 -3.86 10.22 -23.57
CA THR B 350 -5.21 9.78 -23.92
C THR B 350 -6.24 10.78 -23.39
N TYR B 351 -7.04 11.32 -24.31
CA TYR B 351 -8.13 12.22 -23.93
C TYR B 351 -9.44 11.45 -23.78
N PHE B 352 -10.18 11.74 -22.71
CA PHE B 352 -11.49 11.14 -22.50
C PHE B 352 -12.58 12.21 -22.45
N THR B 353 -13.72 11.93 -23.07
CA THR B 353 -14.94 12.72 -22.84
C THR B 353 -16.07 11.75 -22.48
N GLU B 354 -16.66 11.93 -21.32
CA GLU B 354 -17.58 10.93 -20.78
C GLU B 354 -18.85 11.50 -20.16
N THR B 355 -19.96 10.75 -20.25
CA THR B 355 -21.19 11.14 -19.57
C THR B 355 -21.66 10.02 -18.64
N LYS B 356 -22.24 10.41 -17.51
CA LYS B 356 -22.63 9.49 -16.45
C LYS B 356 -24.03 8.90 -16.65
N MET B 357 -24.11 7.58 -16.65
CA MET B 357 -25.35 6.84 -16.80
C MET B 357 -26.26 6.82 -15.56
N LYS B 358 -27.51 6.40 -15.75
CA LYS B 358 -28.50 6.30 -14.69
C LYS B 358 -28.38 4.95 -13.99
N LEU B 359 -29.02 4.83 -12.82
CA LEU B 359 -29.07 3.59 -12.04
C LEU B 359 -27.75 3.33 -11.31
N ASP C 15 -30.88 0.99 32.63
CA ASP C 15 -29.87 0.06 32.15
C ASP C 15 -30.49 -1.00 31.26
N GLU C 16 -31.81 -1.10 31.31
CA GLU C 16 -32.56 -1.96 30.40
C GLU C 16 -32.40 -1.47 28.97
N SER C 17 -32.12 -0.18 28.83
CA SER C 17 -31.96 0.46 27.53
C SER C 17 -30.70 -0.03 26.82
N MET C 18 -29.67 -0.37 27.59
CA MET C 18 -28.42 -0.89 27.05
C MET C 18 -28.64 -2.27 26.44
N SER C 19 -29.44 -3.08 27.12
CA SER C 19 -29.75 -4.42 26.67
C SER C 19 -30.51 -4.42 25.35
N ILE C 20 -31.35 -3.41 25.17
CA ILE C 20 -32.14 -3.30 23.94
C ILE C 20 -31.31 -2.85 22.74
N ASP C 21 -30.42 -1.88 22.96
CA ASP C 21 -29.56 -1.39 21.89
C ASP C 21 -28.58 -2.45 21.40
N ASN C 22 -28.04 -3.24 22.33
CA ASN C 22 -27.15 -4.33 21.96
C ASN C 22 -27.87 -5.48 21.25
N LEU C 23 -29.10 -5.79 21.68
CA LEU C 23 -29.90 -6.79 21.00
C LEU C 23 -30.22 -6.35 19.58
N ARG C 24 -30.49 -5.05 19.42
CA ARG C 24 -30.76 -4.50 18.10
C ARG C 24 -29.49 -4.52 17.24
N GLY C 25 -28.36 -4.22 17.85
CA GLY C 25 -27.09 -4.30 17.15
C GLY C 25 -26.79 -5.70 16.65
N PHE C 26 -27.06 -6.70 17.48
CA PHE C 26 -26.84 -8.09 17.11
C PHE C 26 -27.78 -8.54 15.99
N VAL C 27 -29.05 -8.17 16.12
CA VAL C 27 -30.04 -8.55 15.12
C VAL C 27 -29.70 -7.93 13.77
N ASP C 28 -29.47 -6.62 13.75
CA ASP C 28 -29.15 -5.89 12.53
C ASP C 28 -27.87 -6.40 11.89
N LEU C 29 -26.96 -6.93 12.71
CA LEU C 29 -25.71 -7.46 12.21
C LEU C 29 -25.91 -8.79 11.47
N ASN C 30 -27.05 -9.44 11.71
CA ASN C 30 -27.33 -10.72 11.10
C ASN C 30 -28.29 -10.69 9.91
N VAL C 31 -29.18 -9.70 9.88
CA VAL C 31 -30.22 -9.64 8.85
C VAL C 31 -29.68 -9.55 7.43
N GLY C 32 -30.43 -10.12 6.48
CA GLY C 32 -30.04 -10.15 5.09
C GLY C 32 -30.11 -11.55 4.50
N LYS C 33 -29.74 -11.67 3.23
CA LYS C 33 -29.63 -12.97 2.58
C LYS C 33 -28.17 -13.38 2.55
N TRP C 34 -27.88 -14.56 3.10
CA TRP C 34 -26.52 -15.08 3.17
C TRP C 34 -26.38 -16.33 2.33
N THR C 35 -25.55 -16.24 1.30
CA THR C 35 -25.17 -17.43 0.54
C THR C 35 -23.82 -17.92 1.05
N GLY C 36 -23.71 -19.21 1.34
CA GLY C 36 -22.51 -19.69 1.99
C GLY C 36 -22.11 -21.15 1.78
N SER C 37 -20.97 -21.52 2.39
CA SER C 37 -20.43 -22.86 2.25
C SER C 37 -20.16 -23.50 3.62
N PHE C 38 -20.82 -24.63 3.87
CA PHE C 38 -20.65 -25.38 5.09
C PHE C 38 -19.46 -26.33 4.96
N HIS C 39 -18.61 -26.35 5.97
CA HIS C 39 -17.45 -27.24 5.95
C HIS C 39 -17.40 -28.06 7.22
N GLN C 40 -17.19 -29.37 7.08
CA GLN C 40 -17.00 -30.21 8.25
C GLN C 40 -15.60 -30.79 8.28
N PHE C 41 -14.84 -30.43 9.31
CA PHE C 41 -13.50 -30.95 9.47
C PHE C 41 -13.43 -31.94 10.63
N ASP C 42 -12.38 -32.73 10.64
CA ASP C 42 -12.06 -33.58 11.78
C ASP C 42 -11.00 -32.86 12.62
N GLY C 43 -10.54 -33.50 13.68
CA GLY C 43 -9.55 -32.89 14.55
C GLY C 43 -8.20 -32.55 13.90
N ASN C 44 -7.94 -33.10 12.72
CA ASN C 44 -6.68 -32.87 12.04
C ASN C 44 -6.80 -31.93 10.85
N GLY C 45 -7.95 -31.26 10.76
CA GLY C 45 -8.15 -30.23 9.75
C GLY C 45 -8.47 -30.76 8.38
N ASN C 46 -8.77 -32.06 8.30
CA ASN C 46 -9.15 -32.72 7.05
C ASN C 46 -10.61 -32.41 6.68
N LEU C 47 -10.82 -31.84 5.49
CA LEU C 47 -12.18 -31.58 5.03
C LEU C 47 -12.95 -32.87 4.76
N LEU C 48 -14.08 -33.05 5.45
CA LEU C 48 -14.90 -34.25 5.29
C LEU C 48 -16.04 -34.01 4.29
N HIS C 49 -16.70 -32.86 4.41
CA HIS C 49 -17.79 -32.50 3.51
C HIS C 49 -17.88 -30.99 3.34
N LYS C 50 -18.09 -30.56 2.11
CA LYS C 50 -18.36 -29.16 1.84
C LYS C 50 -19.74 -29.09 1.20
N ILE C 51 -20.65 -28.37 1.85
CA ILE C 51 -22.04 -28.35 1.43
C ILE C 51 -22.53 -26.93 1.17
N ASP C 52 -23.13 -26.73 0.01
CA ASP C 52 -23.67 -25.42 -0.33
C ASP C 52 -24.86 -25.09 0.56
N THR C 53 -24.85 -23.90 1.16
CA THR C 53 -25.94 -23.47 2.04
C THR C 53 -26.34 -22.02 1.76
N ARG C 54 -27.61 -21.71 2.03
CA ARG C 54 -28.11 -20.35 1.98
C ARG C 54 -28.81 -20.04 3.30
N LEU C 55 -28.63 -18.82 3.82
CA LEU C 55 -29.24 -18.44 5.09
C LEU C 55 -29.98 -17.12 4.99
N SER C 56 -31.26 -17.13 5.33
CA SER C 56 -32.08 -15.93 5.25
C SER C 56 -32.45 -15.45 6.65
N ALA C 57 -31.95 -14.28 7.02
CA ALA C 57 -32.15 -13.74 8.36
C ALA C 57 -32.94 -12.43 8.37
N SER C 58 -34.00 -12.39 9.17
CA SER C 58 -34.85 -11.20 9.24
C SER C 58 -35.22 -10.87 10.67
N SER C 59 -35.83 -9.71 10.87
CA SER C 59 -36.27 -9.30 12.21
C SER C 59 -37.77 -9.03 12.29
N TYR C 60 -38.30 -9.14 13.50
CA TYR C 60 -39.69 -8.83 13.79
C TYR C 60 -39.77 -8.14 15.14
N GLY C 61 -40.85 -7.38 15.35
CA GLY C 61 -41.04 -6.67 16.60
C GLY C 61 -40.09 -5.51 16.77
N GLU C 62 -40.22 -4.80 17.88
CA GLU C 62 -39.37 -3.64 18.15
C GLU C 62 -38.96 -3.63 19.60
N ASP C 63 -37.91 -2.85 19.90
CA ASP C 63 -37.41 -2.69 21.26
C ASP C 63 -37.12 -4.04 21.95
N GLU C 64 -37.60 -4.20 23.18
CA GLU C 64 -37.31 -5.39 23.97
C GLU C 64 -37.94 -6.66 23.41
N LEU C 65 -38.87 -6.51 22.48
CA LEU C 65 -39.53 -7.65 21.86
C LEU C 65 -38.95 -8.00 20.50
N LEU C 66 -37.81 -7.36 20.18
CA LEU C 66 -37.14 -7.61 18.92
C LEU C 66 -36.71 -9.06 18.84
N SER C 67 -36.91 -9.69 17.70
CA SER C 67 -36.54 -11.09 17.52
C SER C 67 -35.85 -11.30 16.18
N LEU C 68 -34.95 -12.27 16.11
CA LEU C 68 -34.27 -12.61 14.87
C LEU C 68 -34.67 -14.00 14.39
N ASN C 69 -35.41 -14.05 13.29
CA ASN C 69 -35.75 -15.32 12.67
C ASN C 69 -34.79 -15.61 11.51
N GLN C 70 -34.37 -16.86 11.39
CA GLN C 70 -33.48 -17.22 10.29
C GLN C 70 -33.74 -18.62 9.76
N SER C 71 -33.70 -18.75 8.44
CA SER C 71 -33.90 -20.04 7.79
C SER C 71 -32.65 -20.47 7.04
N LEU C 72 -32.24 -21.71 7.28
CA LEU C 72 -31.09 -22.27 6.61
C LEU C 72 -31.57 -23.20 5.51
N TYR C 73 -31.07 -22.99 4.29
CA TYR C 73 -31.44 -23.82 3.15
C TYR C 73 -30.25 -24.67 2.73
N ILE C 74 -30.45 -25.98 2.67
CA ILE C 74 -29.36 -26.91 2.42
C ILE C 74 -29.47 -27.54 1.03
N LYS C 75 -28.35 -27.58 0.31
CA LYS C 75 -28.34 -28.15 -1.04
C LYS C 75 -28.32 -29.68 -1.02
N GLN C 76 -29.31 -30.26 -1.68
CA GLN C 76 -29.47 -31.70 -1.82
C GLN C 76 -28.80 -32.24 -3.08
N PRO C 77 -27.85 -33.17 -2.91
CA PRO C 77 -27.09 -33.75 -4.03
C PRO C 77 -27.95 -34.45 -5.09
N PRO C 91 -31.12 -28.92 -8.89
CA PRO C 91 -30.75 -28.85 -7.47
C PRO C 91 -31.91 -28.42 -6.60
N GLU C 92 -32.44 -29.35 -5.81
CA GLU C 92 -33.51 -29.05 -4.86
C GLU C 92 -32.97 -28.62 -3.48
N TRP C 93 -33.60 -27.61 -2.90
CA TRP C 93 -33.18 -27.08 -1.61
C TRP C 93 -34.16 -27.42 -0.50
N VAL C 94 -33.63 -27.71 0.69
CA VAL C 94 -34.46 -28.02 1.84
C VAL C 94 -34.22 -27.01 2.97
N GLU C 95 -35.31 -26.60 3.61
CA GLU C 95 -35.27 -25.56 4.63
C GLU C 95 -35.15 -26.15 6.02
N TYR C 96 -34.32 -25.53 6.85
CA TYR C 96 -34.26 -25.85 8.27
C TYR C 96 -34.64 -24.61 9.06
N LYS C 97 -35.63 -24.75 9.94
CA LYS C 97 -36.05 -23.62 10.78
C LYS C 97 -35.17 -23.51 12.03
N ILE C 98 -34.23 -22.57 11.98
CA ILE C 98 -33.36 -22.29 13.11
C ILE C 98 -34.15 -21.63 14.23
N LYS C 99 -33.87 -22.02 15.47
CA LYS C 99 -34.51 -21.43 16.65
C LYS C 99 -34.54 -19.91 16.61
N GLU C 100 -35.70 -19.35 16.93
CA GLU C 100 -35.86 -17.91 17.01
C GLU C 100 -34.94 -17.35 18.08
N THR C 101 -34.31 -16.23 17.77
CA THR C 101 -33.43 -15.54 18.70
C THR C 101 -34.09 -14.27 19.24
N ASN C 102 -34.25 -14.20 20.55
CA ASN C 102 -34.87 -13.02 21.16
C ASN C 102 -34.15 -12.63 22.44
N MET C 103 -34.69 -11.64 23.16
CA MET C 103 -34.05 -11.14 24.39
C MET C 103 -33.92 -12.23 25.46
N PHE C 104 -34.86 -13.16 25.47
CA PHE C 104 -34.81 -14.23 26.46
C PHE C 104 -33.72 -15.26 26.12
N THR C 105 -33.64 -15.68 24.86
CA THR C 105 -32.72 -16.75 24.48
C THR C 105 -31.25 -16.33 24.51
N VAL C 106 -30.94 -15.14 24.03
CA VAL C 106 -29.55 -14.67 23.98
C VAL C 106 -28.91 -14.60 25.36
N ASP C 107 -29.74 -14.34 26.37
CA ASP C 107 -29.25 -14.12 27.72
C ASP C 107 -29.25 -15.44 28.49
N LYS C 108 -30.39 -16.15 28.46
CA LYS C 108 -30.58 -17.34 29.29
C LYS C 108 -30.00 -18.60 28.66
N TYR C 109 -30.10 -18.71 27.34
CA TYR C 109 -29.73 -19.94 26.63
C TYR C 109 -28.39 -19.85 25.93
N GLN C 110 -28.18 -18.76 25.19
CA GLN C 110 -27.03 -18.67 24.31
C GLN C 110 -25.81 -18.03 24.96
N GLN C 111 -26.03 -17.38 26.11
CA GLN C 111 -24.98 -16.66 26.83
C GLN C 111 -24.16 -15.83 25.85
N ILE C 112 -24.86 -15.01 25.07
CA ILE C 112 -24.28 -14.29 23.97
C ILE C 112 -23.09 -13.42 24.40
N GLY C 113 -21.99 -13.56 23.68
CA GLY C 113 -20.90 -12.61 23.79
C GLY C 113 -20.95 -11.77 22.54
N PHE C 114 -21.23 -10.47 22.68
CA PHE C 114 -21.48 -9.65 21.50
C PHE C 114 -20.61 -8.40 21.46
N PHE C 115 -19.96 -8.18 20.32
CA PHE C 115 -19.09 -7.02 20.13
C PHE C 115 -19.64 -6.13 19.02
N PRO C 116 -20.31 -5.03 19.41
CA PRO C 116 -20.97 -4.13 18.46
C PRO C 116 -19.98 -3.42 17.55
N LYS C 117 -18.99 -2.77 18.14
CA LYS C 117 -18.01 -2.00 17.38
C LYS C 117 -17.13 -2.88 16.47
N GLU C 118 -16.75 -4.07 16.96
CA GLU C 118 -15.83 -4.94 16.22
C GLU C 118 -16.58 -5.88 15.29
N ARG C 119 -17.89 -5.97 15.48
CA ARG C 119 -18.75 -6.83 14.67
C ARG C 119 -18.33 -8.30 14.78
N ALA C 120 -18.50 -8.86 15.97
CA ALA C 120 -18.19 -10.26 16.24
C ALA C 120 -19.12 -10.78 17.31
N PHE C 121 -19.36 -12.09 17.34
CA PHE C 121 -20.17 -12.69 18.41
C PHE C 121 -19.91 -14.19 18.64
N SER C 122 -20.14 -14.61 19.88
CA SER C 122 -20.08 -16.02 20.27
C SER C 122 -21.43 -16.43 20.82
N LEU C 123 -21.86 -17.66 20.51
CA LEU C 123 -23.13 -18.15 21.00
C LEU C 123 -23.02 -19.61 21.46
N ARG C 124 -23.79 -19.98 22.47
CA ARG C 124 -23.88 -21.38 22.86
C ARG C 124 -25.12 -21.97 22.22
N TYR C 125 -25.03 -23.22 21.79
CA TYR C 125 -26.20 -23.96 21.36
C TYR C 125 -26.44 -25.07 22.37
N GLN C 126 -27.70 -25.41 22.59
CA GLN C 126 -28.04 -26.46 23.54
C GLN C 126 -27.74 -27.82 22.93
N THR C 127 -27.82 -27.89 21.61
CA THR C 127 -27.69 -29.15 20.89
C THR C 127 -27.06 -28.91 19.53
N ALA C 128 -26.58 -29.97 18.90
CA ALA C 128 -25.97 -29.84 17.58
C ALA C 128 -26.94 -30.19 16.48
N GLY C 129 -28.24 -30.07 16.79
CA GLY C 129 -29.29 -30.46 15.86
C GLY C 129 -29.28 -29.78 14.52
N MET C 130 -29.02 -28.48 14.50
CA MET C 130 -28.95 -27.70 13.26
C MET C 130 -27.82 -28.18 12.35
N LEU C 131 -26.73 -28.64 12.96
CA LEU C 131 -25.61 -29.14 12.19
C LEU C 131 -25.84 -30.57 11.71
N ASP C 132 -26.56 -31.35 12.51
CA ASP C 132 -26.93 -32.71 12.15
C ASP C 132 -27.78 -32.69 10.88
N THR C 133 -28.80 -31.85 10.87
CA THR C 133 -29.70 -31.74 9.73
C THR C 133 -28.95 -31.31 8.48
N THR C 134 -28.01 -30.38 8.60
CA THR C 134 -27.22 -29.94 7.46
C THR C 134 -26.42 -31.08 6.84
N LEU C 135 -25.84 -31.93 7.69
CA LEU C 135 -25.08 -33.09 7.23
C LEU C 135 -25.96 -34.15 6.59
N ARG C 136 -27.07 -34.48 7.23
CA ARG C 136 -28.03 -35.46 6.71
C ARG C 136 -28.51 -35.05 5.32
N GLN C 137 -29.04 -33.84 5.22
CA GLN C 137 -29.61 -33.33 3.98
C GLN C 137 -28.56 -33.02 2.90
N GLY C 138 -27.39 -32.56 3.32
CA GLY C 138 -26.36 -32.18 2.36
C GLY C 138 -25.55 -33.33 1.78
N VAL C 139 -25.62 -34.50 2.43
CA VAL C 139 -24.85 -35.67 2.01
C VAL C 139 -25.75 -36.83 1.60
N LEU C 140 -26.89 -36.95 2.27
CA LEU C 140 -27.84 -38.03 2.01
C LEU C 140 -29.10 -37.44 1.37
N GLY C 141 -30.18 -38.20 1.39
CA GLY C 141 -31.45 -37.72 0.89
C GLY C 141 -32.06 -36.68 1.81
N GLU C 148 -31.08 -46.31 8.92
CA GLU C 148 -31.51 -45.29 9.87
C GLU C 148 -30.52 -44.13 9.90
N SER C 149 -29.26 -44.44 10.17
CA SER C 149 -28.20 -43.46 10.23
C SER C 149 -26.89 -44.14 9.90
N PRO C 150 -26.32 -43.84 8.72
CA PRO C 150 -25.15 -44.58 8.24
C PRO C 150 -23.93 -44.37 9.11
N ARG C 151 -22.87 -45.12 8.84
CA ARG C 151 -21.68 -45.10 9.68
C ARG C 151 -20.51 -44.42 8.97
N ASN C 152 -20.59 -44.33 7.65
CA ASN C 152 -19.60 -43.62 6.86
C ASN C 152 -19.80 -42.11 6.97
N LEU C 153 -20.86 -41.74 7.68
CA LEU C 153 -21.23 -40.35 7.91
C LEU C 153 -20.98 -39.99 9.36
N LYS C 154 -20.14 -38.99 9.56
CA LYS C 154 -19.79 -38.53 10.90
C LYS C 154 -20.87 -37.57 11.39
N LEU C 155 -21.79 -38.08 12.19
CA LEU C 155 -22.85 -37.24 12.76
C LEU C 155 -22.51 -36.82 14.18
N PRO C 156 -22.93 -35.60 14.58
CA PRO C 156 -22.61 -35.10 15.93
C PRO C 156 -23.41 -35.84 16.97
N SER C 157 -22.85 -35.97 18.18
CA SER C 157 -23.51 -36.70 19.26
C SER C 157 -24.89 -36.14 19.51
N ARG C 158 -25.77 -36.98 20.04
CA ARG C 158 -27.14 -36.57 20.30
C ARG C 158 -27.18 -35.61 21.47
N ARG C 159 -26.32 -35.85 22.46
CA ARG C 159 -26.25 -35.01 23.64
C ARG C 159 -24.82 -34.54 23.83
N PRO C 160 -24.35 -33.62 22.96
CA PRO C 160 -22.98 -33.12 23.12
C PRO C 160 -22.82 -32.27 24.38
N SER C 161 -21.60 -32.23 24.92
CA SER C 161 -21.33 -31.56 26.18
C SER C 161 -21.18 -30.05 26.00
N LEU C 162 -20.80 -29.65 24.80
CA LEU C 162 -20.57 -28.25 24.50
C LEU C 162 -20.70 -28.01 23.00
N VAL C 163 -21.48 -27.00 22.63
CA VAL C 163 -21.57 -26.56 21.25
C VAL C 163 -21.41 -25.06 21.21
N CYS C 164 -20.31 -24.59 20.63
CA CYS C 164 -20.03 -23.17 20.67
C CYS C 164 -19.83 -22.63 19.27
N GLU C 165 -20.42 -21.47 19.00
CA GLU C 165 -20.22 -20.82 17.71
C GLU C 165 -19.42 -19.54 17.91
N ASN C 166 -18.38 -19.36 17.11
CA ASN C 166 -17.62 -18.11 17.12
C ASN C 166 -17.65 -17.46 15.74
N CYS C 167 -18.08 -16.21 15.69
CA CYS C 167 -18.34 -15.54 14.44
C CYS C 167 -17.50 -14.28 14.25
N LEU C 168 -16.75 -14.25 13.16
CA LEU C 168 -15.94 -13.08 12.82
C LEU C 168 -16.45 -12.47 11.54
N TYR C 169 -16.42 -11.14 11.46
CA TYR C 169 -16.79 -10.46 10.24
C TYR C 169 -15.54 -9.94 9.54
N SER C 170 -15.56 -9.93 8.21
CA SER C 170 -14.45 -9.40 7.43
C SER C 170 -14.54 -7.88 7.46
N LYS C 171 -13.38 -7.22 7.41
CA LYS C 171 -13.36 -5.77 7.44
C LYS C 171 -13.30 -5.17 6.04
N GLU C 172 -13.01 -6.02 5.05
CA GLU C 172 -12.87 -5.53 3.68
C GLU C 172 -14.17 -5.67 2.88
N ILE C 173 -14.67 -6.89 2.78
CA ILE C 173 -15.91 -7.18 2.06
C ILE C 173 -16.99 -7.67 3.02
N ASP C 174 -18.24 -7.66 2.58
CA ASP C 174 -19.33 -8.10 3.44
C ASP C 174 -19.52 -9.64 3.47
N ARG C 175 -18.54 -10.35 4.02
CA ARG C 175 -18.70 -11.78 4.28
C ARG C 175 -18.25 -12.12 5.72
N ARG C 176 -18.78 -13.20 6.27
CA ARG C 176 -18.48 -13.59 7.65
C ARG C 176 -18.14 -15.07 7.73
N ALA C 177 -17.49 -15.47 8.81
CA ALA C 177 -17.18 -16.87 9.07
C ALA C 177 -17.73 -17.30 10.42
N ARG C 178 -18.43 -18.43 10.46
CA ARG C 178 -19.01 -18.90 11.70
C ARG C 178 -18.47 -20.27 12.06
N ALA C 179 -17.54 -20.31 13.02
CA ALA C 179 -16.87 -21.55 13.39
C ALA C 179 -17.55 -22.22 14.58
N PHE C 180 -17.75 -23.53 14.51
CA PHE C 180 -18.42 -24.26 15.57
C PHE C 180 -17.52 -25.33 16.18
N HIS C 181 -17.34 -25.28 17.50
CA HIS C 181 -16.75 -26.40 18.21
C HIS C 181 -17.88 -27.29 18.70
N ILE C 182 -17.70 -28.61 18.55
CA ILE C 182 -18.63 -29.58 19.13
C ILE C 182 -17.85 -30.65 19.90
N MET C 183 -18.12 -30.78 21.20
CA MET C 183 -17.47 -31.80 22.00
C MET C 183 -18.46 -32.91 22.36
N ASP C 184 -17.99 -34.16 22.34
CA ASP C 184 -18.83 -35.32 22.68
C ASP C 184 -19.31 -35.25 24.13
N PRO C 185 -20.24 -36.13 24.53
CA PRO C 185 -20.71 -36.02 25.92
C PRO C 185 -19.62 -36.14 27.00
N LYS C 186 -18.44 -36.63 26.64
CA LYS C 186 -17.35 -36.73 27.61
C LYS C 186 -16.33 -35.61 27.42
N GLY C 187 -16.68 -34.62 26.61
CA GLY C 187 -15.88 -33.40 26.51
C GLY C 187 -14.71 -33.43 25.56
N VAL C 188 -14.70 -34.42 24.68
CA VAL C 188 -13.66 -34.54 23.67
C VAL C 188 -14.13 -34.03 22.30
N LEU C 189 -13.30 -33.23 21.66
CA LEU C 189 -13.62 -32.68 20.36
C LEU C 189 -13.95 -33.78 19.36
N GLU C 190 -15.09 -33.64 18.69
CA GLU C 190 -15.51 -34.63 17.71
C GLU C 190 -15.65 -34.10 16.27
N MET C 191 -15.89 -32.81 16.13
CA MET C 191 -15.86 -32.17 14.80
C MET C 191 -15.69 -30.64 14.87
N LEU C 192 -15.25 -30.06 13.76
CA LEU C 192 -15.17 -28.62 13.61
C LEU C 192 -15.96 -28.22 12.38
N ILE C 193 -16.69 -27.11 12.47
CA ILE C 193 -17.53 -26.70 11.35
C ILE C 193 -17.31 -25.24 11.02
N VAL C 194 -17.19 -24.93 9.73
CA VAL C 194 -17.02 -23.55 9.32
C VAL C 194 -18.02 -23.14 8.24
N PHE C 195 -18.94 -22.23 8.59
CA PHE C 195 -19.78 -21.59 7.58
C PHE C 195 -19.04 -20.38 7.04
N LEU C 196 -18.74 -20.38 5.75
CA LEU C 196 -18.22 -19.19 5.09
C LEU C 196 -19.35 -18.57 4.28
N GLU C 197 -19.79 -17.38 4.65
CA GLU C 197 -21.00 -16.82 4.05
C GLU C 197 -20.83 -15.39 3.57
N GLU C 198 -21.37 -15.08 2.39
CA GLU C 198 -21.36 -13.71 1.89
C GLU C 198 -22.78 -13.20 1.72
N ARG C 199 -23.00 -11.92 2.02
CA ARG C 199 -24.33 -11.32 1.99
C ARG C 199 -24.57 -10.61 0.66
N GLY C 200 -25.79 -10.75 0.13
CA GLY C 200 -26.15 -10.12 -1.12
C GLY C 200 -27.66 -9.97 -1.27
N ASN C 203 -28.50 -16.38 -4.40
CA ASN C 203 -27.98 -15.12 -4.92
C ASN C 203 -26.61 -15.27 -5.61
N LEU C 204 -25.56 -15.28 -4.80
CA LEU C 204 -24.17 -15.31 -5.27
C LEU C 204 -23.68 -16.70 -5.69
N ALA C 205 -22.36 -16.86 -5.77
CA ALA C 205 -21.73 -18.07 -6.32
C ALA C 205 -21.25 -19.13 -5.33
N HIS C 206 -21.03 -18.73 -4.07
CA HIS C 206 -20.56 -19.55 -2.95
C HIS C 206 -19.06 -19.43 -2.74
N PRO C 207 -18.66 -19.03 -1.52
CA PRO C 207 -17.29 -18.78 -1.06
C PRO C 207 -16.49 -20.08 -1.08
N VAL C 208 -15.17 -20.04 -1.02
CA VAL C 208 -14.40 -21.26 -1.24
C VAL C 208 -13.45 -21.70 -0.11
N LEU C 209 -12.60 -20.78 0.35
CA LEU C 209 -11.62 -20.91 1.46
C LEU C 209 -10.18 -20.75 0.96
N ASP C 210 -9.64 -21.86 0.44
CA ASP C 210 -8.26 -21.92 -0.05
C ASP C 210 -7.85 -20.73 -0.93
N GLU C 217 2.46 -25.54 3.96
CA GLU C 217 2.20 -25.79 5.38
C GLU C 217 1.23 -24.73 5.91
N ARG C 218 0.14 -25.16 6.53
CA ARG C 218 -0.92 -24.24 6.95
C ARG C 218 -0.50 -23.30 8.07
N ILE C 219 0.43 -23.74 8.90
CA ILE C 219 0.85 -22.98 10.08
C ILE C 219 1.75 -21.78 9.77
N ASN C 220 2.40 -21.80 8.62
CA ASN C 220 3.40 -20.77 8.29
C ASN C 220 2.94 -19.31 8.42
N PRO C 221 1.81 -18.93 7.78
CA PRO C 221 1.40 -17.53 7.90
C PRO C 221 1.01 -17.09 9.31
N PHE C 222 0.79 -18.03 10.23
CA PHE C 222 0.44 -17.69 11.61
C PHE C 222 1.69 -17.44 12.44
N LEU C 223 2.81 -18.04 12.04
CA LEU C 223 4.08 -17.87 12.73
C LEU C 223 4.53 -16.42 12.71
N GLY C 224 5.18 -16.00 13.79
CA GLY C 224 5.69 -14.65 13.90
C GLY C 224 5.16 -13.91 15.10
N THR C 225 5.32 -12.60 15.10
CA THR C 225 4.89 -11.78 16.20
C THR C 225 3.70 -10.92 15.81
N TRP C 226 2.60 -11.10 16.53
CA TRP C 226 1.40 -10.33 16.27
C TRP C 226 1.16 -9.42 17.44
N LYS C 227 0.97 -8.14 17.15
CA LYS C 227 0.55 -7.22 18.18
C LYS C 227 -0.76 -6.54 17.79
N GLY C 228 -1.53 -6.18 18.79
CA GLY C 228 -2.82 -5.56 18.58
C GLY C 228 -3.47 -5.31 19.91
N ARG C 229 -4.79 -5.25 19.91
CA ARG C 229 -5.54 -4.99 21.12
C ARG C 229 -6.61 -6.05 21.31
N SER C 230 -7.01 -6.26 22.55
CA SER C 230 -8.09 -7.18 22.86
C SER C 230 -9.14 -6.49 23.71
N VAL C 231 -10.36 -7.01 23.68
CA VAL C 231 -11.43 -6.49 24.51
C VAL C 231 -12.30 -7.63 25.07
N THR C 232 -12.38 -7.72 26.40
CA THR C 232 -13.09 -8.81 27.02
C THR C 232 -14.45 -8.35 27.54
N LYS C 233 -15.49 -9.00 27.04
CA LYS C 233 -16.85 -8.70 27.46
C LYS C 233 -17.47 -9.87 28.19
N ARG C 234 -18.10 -9.57 29.31
CA ARG C 234 -18.85 -10.55 30.08
C ARG C 234 -19.96 -11.09 29.18
N SER C 235 -20.18 -12.40 29.22
CA SER C 235 -21.24 -12.97 28.40
C SER C 235 -22.59 -12.44 28.89
N GLY C 236 -23.59 -12.48 28.03
CA GLY C 236 -24.88 -11.87 28.35
C GLY C 236 -25.15 -10.67 27.47
N VAL C 237 -26.42 -10.36 27.26
CA VAL C 237 -26.82 -9.31 26.30
C VAL C 237 -26.34 -7.91 26.71
N TYR C 238 -26.24 -7.64 28.01
CA TYR C 238 -25.77 -6.35 28.49
C TYR C 238 -24.35 -6.09 27.97
N GLY C 239 -23.52 -7.13 28.02
CA GLY C 239 -22.21 -7.07 27.39
C GLY C 239 -21.27 -6.06 28.02
N ALA C 240 -21.16 -6.11 29.34
CA ALA C 240 -20.27 -5.22 30.07
C ALA C 240 -18.82 -5.46 29.65
N THR C 241 -18.08 -4.39 29.39
CA THR C 241 -16.66 -4.54 29.11
C THR C 241 -15.91 -4.73 30.41
N LEU C 242 -15.31 -5.89 30.59
CA LEU C 242 -14.55 -6.20 31.79
C LEU C 242 -13.15 -5.62 31.69
N SER C 243 -12.59 -5.66 30.49
CA SER C 243 -11.25 -5.11 30.27
C SER C 243 -10.93 -4.88 28.79
N GLU C 244 -9.88 -4.11 28.55
CA GLU C 244 -9.30 -3.93 27.23
C GLU C 244 -7.80 -3.94 27.43
N ALA C 245 -7.04 -4.35 26.42
CA ALA C 245 -5.62 -4.53 26.63
C ALA C 245 -4.81 -4.42 25.36
N ASP C 246 -3.54 -4.05 25.51
CA ASP C 246 -2.61 -4.15 24.39
C ASP C 246 -1.98 -5.54 24.46
N THR C 247 -2.03 -6.26 23.35
CA THR C 247 -1.59 -7.66 23.31
C THR C 247 -0.42 -7.93 22.39
N VAL C 248 0.40 -8.90 22.76
CA VAL C 248 1.44 -9.42 21.87
C VAL C 248 1.38 -10.94 21.88
N ALA C 249 1.07 -11.52 20.72
CA ALA C 249 1.01 -12.97 20.57
C ALA C 249 2.17 -13.44 19.71
N VAL C 250 2.96 -14.37 20.25
CA VAL C 250 4.13 -14.89 19.56
C VAL C 250 4.04 -16.40 19.32
N LEU C 251 4.12 -16.80 18.06
CA LEU C 251 4.08 -18.22 17.69
C LEU C 251 5.29 -18.61 16.84
N GLU C 252 6.02 -19.63 17.28
CA GLU C 252 7.22 -20.06 16.57
C GLU C 252 7.31 -21.58 16.50
N MET C 253 7.92 -22.08 15.42
CA MET C 253 8.17 -23.50 15.23
C MET C 253 9.50 -23.75 14.54
N ASN C 254 10.32 -24.62 15.11
CA ASN C 254 11.61 -24.96 14.51
C ASN C 254 11.49 -26.07 13.47
N ASP C 255 12.62 -26.56 12.96
CA ASP C 255 12.61 -27.58 11.92
C ASP C 255 12.17 -28.95 12.44
N LYS C 256 12.30 -29.16 13.75
CA LYS C 256 11.88 -30.43 14.37
C LYS C 256 10.37 -30.54 14.44
N GLY C 257 9.70 -29.42 14.32
CA GLY C 257 8.24 -29.37 14.43
C GLY C 257 7.77 -29.08 15.84
N GLN C 258 8.62 -28.44 16.64
CA GLN C 258 8.27 -28.09 18.01
C GLN C 258 7.78 -26.66 18.08
N VAL C 259 6.62 -26.48 18.68
CA VAL C 259 5.94 -25.19 18.73
C VAL C 259 6.09 -24.50 20.10
N VAL C 260 6.33 -23.20 20.06
CA VAL C 260 6.33 -22.38 21.27
C VAL C 260 5.36 -21.21 21.07
N GLN C 261 4.51 -20.99 22.06
CA GLN C 261 3.56 -19.88 22.02
C GLN C 261 3.64 -19.00 23.25
N ASP C 262 3.74 -17.69 23.02
CA ASP C 262 3.72 -16.71 24.09
C ASP C 262 2.59 -15.71 23.83
N ILE C 263 1.74 -15.52 24.83
CA ILE C 263 0.71 -14.48 24.72
C ILE C 263 0.89 -13.44 25.83
N SER C 264 1.02 -12.18 25.43
CA SER C 264 1.25 -11.11 26.38
C SER C 264 0.04 -10.20 26.43
N SER C 265 -0.38 -9.86 27.64
CA SER C 265 -1.56 -9.04 27.83
C SER C 265 -1.35 -7.96 28.89
N THR C 266 -1.33 -6.71 28.46
CA THR C 266 -1.15 -5.57 29.37
C THR C 266 -2.47 -4.81 29.50
N SER C 267 -3.04 -4.79 30.69
CA SER C 267 -4.30 -4.09 30.89
C SER C 267 -4.03 -2.63 31.23
N ASP C 268 -4.71 -1.74 30.51
CA ASP C 268 -4.44 -0.31 30.59
C ASP C 268 -4.93 0.28 31.89
N GLU C 269 -6.19 0.04 32.19
CA GLU C 269 -6.84 0.53 33.39
C GLU C 269 -6.27 -0.10 34.65
N LYS C 270 -6.23 -1.44 34.67
CA LYS C 270 -5.88 -2.19 35.88
C LYS C 270 -4.37 -2.26 36.17
N LYS C 271 -3.55 -1.80 35.23
CA LYS C 271 -2.09 -1.83 35.36
C LYS C 271 -1.54 -3.23 35.67
N VAL C 272 -2.01 -4.23 34.93
CA VAL C 272 -1.52 -5.61 35.06
C VAL C 272 -0.96 -6.09 33.73
N THR C 273 0.09 -6.89 33.79
CA THR C 273 0.61 -7.52 32.59
C THR C 273 0.79 -9.00 32.88
N THR C 274 0.14 -9.83 32.07
CA THR C 274 0.24 -11.27 32.21
C THR C 274 0.95 -11.87 31.00
N ASN C 275 1.88 -12.77 31.25
CA ASN C 275 2.55 -13.53 30.20
C ASN C 275 2.20 -14.99 30.33
N VAL C 276 1.77 -15.61 29.24
CA VAL C 276 1.52 -17.05 29.22
C VAL C 276 2.36 -17.73 28.15
N HIS C 277 3.17 -18.70 28.57
CA HIS C 277 4.10 -19.39 27.68
C HIS C 277 3.77 -20.89 27.57
N TRP C 278 3.44 -21.36 26.37
CA TRP C 278 3.12 -22.77 26.14
C TRP C 278 4.02 -23.45 25.12
N GLU C 279 4.31 -24.73 25.36
CA GLU C 279 5.10 -25.54 24.43
C GLU C 279 4.35 -26.80 23.97
N GLY C 280 4.52 -27.15 22.70
CA GLY C 280 3.86 -28.31 22.13
C GLY C 280 4.53 -28.85 20.87
N LYS C 281 3.88 -29.79 20.21
CA LYS C 281 4.40 -30.37 18.97
C LYS C 281 3.39 -30.23 17.84
N MET C 282 3.89 -30.00 16.63
CA MET C 282 3.06 -29.92 15.44
C MET C 282 3.13 -31.24 14.70
N SER C 283 1.99 -31.71 14.20
CA SER C 283 1.91 -32.95 13.45
C SER C 283 0.60 -33.03 12.66
N LYS C 284 0.70 -32.96 11.34
CA LYS C 284 -0.47 -33.09 10.47
C LYS C 284 -1.55 -32.05 10.76
N ASP C 285 -1.19 -30.78 10.66
CA ASP C 285 -2.12 -29.67 10.86
C ASP C 285 -2.75 -29.65 12.27
N LEU C 286 -2.12 -30.32 13.23
CA LEU C 286 -2.62 -30.35 14.60
C LEU C 286 -1.50 -30.14 15.62
N VAL C 287 -1.47 -28.96 16.22
CA VAL C 287 -0.51 -28.63 17.26
C VAL C 287 -1.02 -29.14 18.62
N THR C 288 -0.23 -29.95 19.30
CA THR C 288 -0.63 -30.41 20.61
C THR C 288 0.27 -29.89 21.72
N PHE C 289 -0.26 -29.01 22.55
CA PHE C 289 0.47 -28.46 23.67
C PHE C 289 0.37 -29.40 24.86
N ALA C 290 1.36 -29.37 25.73
CA ALA C 290 1.38 -30.24 26.90
C ALA C 290 0.37 -29.77 27.94
N GLU C 291 -0.25 -28.63 27.66
CA GLU C 291 -1.13 -27.96 28.61
C GLU C 291 -2.36 -28.70 29.20
N GLY C 292 -3.18 -29.40 28.40
CA GLY C 292 -2.98 -29.66 26.99
C GLY C 292 -4.08 -29.12 26.09
N TYR C 293 -3.75 -28.01 25.44
CA TYR C 293 -4.62 -27.34 24.49
C TYR C 293 -4.27 -27.90 23.11
N GLN C 294 -5.13 -27.68 22.11
CA GLN C 294 -4.81 -28.11 20.75
C GLN C 294 -5.38 -27.12 19.73
N MET C 295 -4.54 -26.64 18.82
CA MET C 295 -5.06 -25.84 17.73
C MET C 295 -4.87 -26.54 16.42
N THR C 296 -6.00 -26.77 15.76
CA THR C 296 -6.01 -27.39 14.45
C THR C 296 -6.02 -26.31 13.39
N LEU C 297 -5.16 -26.47 12.40
CA LEU C 297 -5.02 -25.48 11.36
C LEU C 297 -5.91 -25.85 10.19
N LEU C 298 -6.69 -24.88 9.72
CA LEU C 298 -7.69 -25.11 8.69
C LEU C 298 -7.31 -24.41 7.41
N PRO C 299 -7.97 -24.74 6.29
CA PRO C 299 -7.84 -23.94 5.06
C PRO C 299 -8.33 -22.51 5.28
N GLY C 300 -8.06 -21.63 4.32
CA GLY C 300 -8.62 -20.29 4.33
C GLY C 300 -7.99 -19.32 5.33
N GLY C 301 -6.88 -19.71 5.94
CA GLY C 301 -6.22 -18.85 6.91
C GLY C 301 -6.96 -18.86 8.23
N MET C 302 -7.49 -20.03 8.58
CA MET C 302 -8.19 -20.21 9.83
C MET C 302 -7.50 -21.23 10.71
N TYR C 303 -7.69 -21.08 12.02
CA TYR C 303 -7.42 -22.16 12.95
C TYR C 303 -8.43 -22.12 14.09
N MET C 304 -8.60 -23.25 14.76
CA MET C 304 -9.54 -23.34 15.87
C MET C 304 -8.86 -24.04 17.03
N GLY C 305 -9.03 -23.51 18.23
CA GLY C 305 -8.33 -24.07 19.37
C GLY C 305 -9.28 -24.45 20.48
N CYS C 306 -8.94 -25.49 21.22
CA CYS C 306 -9.76 -25.98 22.32
C CYS C 306 -8.92 -26.96 23.12
N PRO C 307 -9.31 -27.23 24.37
CA PRO C 307 -8.57 -28.24 25.14
C PRO C 307 -8.80 -29.65 24.61
N CYS C 308 -7.88 -30.55 24.89
CA CYS C 308 -7.97 -31.94 24.45
C CYS C 308 -9.20 -32.62 25.01
N ASP C 309 -9.36 -32.48 26.32
CA ASP C 309 -10.44 -33.11 27.06
C ASP C 309 -11.00 -32.09 28.05
N VAL C 310 -12.13 -31.50 27.72
CA VAL C 310 -12.77 -30.52 28.58
C VAL C 310 -13.09 -31.09 29.96
N SER C 311 -13.42 -32.38 30.01
CA SER C 311 -13.80 -33.00 31.28
C SER C 311 -12.65 -33.00 32.27
N LYS C 312 -11.41 -33.01 31.77
CA LYS C 312 -10.27 -32.93 32.68
C LYS C 312 -10.17 -31.56 33.32
N CYS C 313 -10.37 -30.50 32.53
CA CYS C 313 -10.36 -29.15 33.05
C CYS C 313 -11.42 -29.03 34.15
N VAL C 314 -12.63 -29.49 33.85
CA VAL C 314 -13.73 -29.47 34.81
C VAL C 314 -13.35 -30.27 36.05
N ALA C 315 -12.70 -31.40 35.86
CA ALA C 315 -12.27 -32.24 36.98
C ALA C 315 -11.17 -31.55 37.78
N ASP C 316 -10.33 -30.79 37.09
CA ASP C 316 -9.25 -30.06 37.75
C ASP C 316 -9.74 -28.73 38.34
N LEU C 317 -11.04 -28.49 38.21
CA LEU C 317 -11.67 -27.25 38.68
C LEU C 317 -11.00 -25.99 38.11
N LYS C 318 -10.65 -26.02 36.82
CA LYS C 318 -10.03 -24.89 36.15
C LYS C 318 -10.87 -24.33 35.01
N SER C 319 -10.61 -23.07 34.66
CA SER C 319 -11.21 -22.47 33.47
C SER C 319 -10.50 -23.01 32.24
N PHE C 320 -11.16 -22.88 31.09
CA PHE C 320 -10.59 -23.25 29.81
C PHE C 320 -11.20 -22.35 28.74
N HIS C 321 -10.63 -22.39 27.53
CA HIS C 321 -11.17 -21.57 26.45
C HIS C 321 -11.15 -22.25 25.10
N LEU C 322 -12.06 -21.80 24.24
CA LEU C 322 -12.11 -22.24 22.85
C LEU C 322 -11.70 -21.04 22.03
N GLU C 323 -11.20 -21.27 20.82
CA GLU C 323 -10.62 -20.20 20.04
C GLU C 323 -10.87 -20.33 18.55
N PHE C 324 -11.13 -19.20 17.89
CA PHE C 324 -11.30 -19.16 16.45
C PHE C 324 -10.50 -18.01 15.88
N CYS C 325 -9.63 -18.30 14.91
CA CYS C 325 -8.81 -17.26 14.30
C CYS C 325 -8.99 -17.27 12.79
N TRP C 326 -9.00 -16.07 12.21
CA TRP C 326 -9.22 -15.87 10.77
C TRP C 326 -8.41 -14.68 10.34
N LEU C 327 -7.43 -14.89 9.47
CA LEU C 327 -6.65 -13.76 8.99
C LEU C 327 -7.15 -13.20 7.66
N GLU C 328 -7.19 -11.87 7.57
CA GLU C 328 -7.66 -11.18 6.37
C GLU C 328 -6.53 -11.14 5.35
N SER C 329 -5.37 -10.67 5.81
CA SER C 329 -4.15 -10.64 5.03
C SER C 329 -3.15 -11.57 5.71
N PRO C 330 -1.93 -11.73 5.15
CA PRO C 330 -0.95 -12.51 5.93
C PRO C 330 -0.32 -11.71 7.06
N SER C 331 -0.80 -10.50 7.28
CA SER C 331 -0.27 -9.65 8.33
C SER C 331 -1.38 -8.97 9.14
N SER C 332 -2.63 -9.42 8.94
CA SER C 332 -3.77 -8.88 9.68
C SER C 332 -4.80 -9.97 9.96
N ARG C 333 -5.13 -10.16 11.23
CA ARG C 333 -6.04 -11.22 11.62
C ARG C 333 -7.00 -10.81 12.72
N GLN C 334 -8.04 -11.60 12.91
CA GLN C 334 -8.95 -11.44 14.02
C GLN C 334 -9.00 -12.76 14.77
N ARG C 335 -9.14 -12.69 16.09
CA ARG C 335 -9.30 -13.87 16.93
C ARG C 335 -10.45 -13.69 17.87
N LEU C 336 -11.11 -14.80 18.20
CA LEU C 336 -12.20 -14.77 19.13
C LEU C 336 -11.96 -15.87 20.15
N ILE C 337 -11.97 -15.51 21.43
CA ILE C 337 -11.81 -16.47 22.51
C ILE C 337 -13.09 -16.53 23.32
N ARG C 338 -13.58 -17.75 23.57
CA ARG C 338 -14.72 -17.95 24.44
C ARG C 338 -14.19 -18.61 25.71
N THR C 339 -14.33 -17.93 26.86
CA THR C 339 -13.79 -18.45 28.11
C THR C 339 -14.88 -19.05 28.98
N TYR C 340 -14.62 -20.25 29.50
CA TYR C 340 -15.57 -20.99 30.32
C TYR C 340 -15.03 -21.16 31.74
N ASP C 341 -15.92 -21.15 32.73
CA ASP C 341 -15.52 -21.49 34.09
C ASP C 341 -15.42 -23.00 34.25
N HIS C 342 -15.10 -23.46 35.45
CA HIS C 342 -14.85 -24.88 35.65
C HIS C 342 -16.11 -25.74 35.57
N GLU C 343 -17.27 -25.11 35.43
CA GLU C 343 -18.51 -25.86 35.24
C GLU C 343 -18.98 -25.83 33.78
N GLY C 344 -18.12 -25.36 32.88
CA GLY C 344 -18.44 -25.33 31.47
C GLY C 344 -19.46 -24.27 31.09
N LEU C 345 -19.62 -23.30 31.98
CA LEU C 345 -20.47 -22.15 31.71
C LEU C 345 -19.59 -21.08 31.08
N ALA C 346 -20.03 -20.53 29.96
CA ALA C 346 -19.29 -19.46 29.31
C ALA C 346 -19.41 -18.21 30.14
N VAL C 347 -18.27 -17.63 30.52
CA VAL C 347 -18.30 -16.44 31.37
C VAL C 347 -17.94 -15.17 30.61
N SER C 348 -17.15 -15.30 29.57
CA SER C 348 -16.75 -14.15 28.79
C SER C 348 -16.30 -14.49 27.39
N SER C 349 -16.28 -13.48 26.53
CA SER C 349 -15.70 -13.61 25.20
C SER C 349 -14.62 -12.55 25.08
N THR C 350 -13.55 -12.88 24.36
CA THR C 350 -12.48 -11.91 24.11
C THR C 350 -12.20 -11.77 22.60
N TYR C 351 -12.39 -10.57 22.08
CA TYR C 351 -12.10 -10.27 20.67
C TYR C 351 -10.69 -9.72 20.50
N PHE C 352 -9.98 -10.22 19.50
CA PHE C 352 -8.66 -9.73 19.15
C PHE C 352 -8.69 -9.16 17.75
N THR C 353 -7.97 -8.07 17.54
CA THR C 353 -7.64 -7.62 16.20
C THR C 353 -6.14 -7.43 16.15
N GLU C 354 -5.47 -8.11 15.23
CA GLU C 354 -4.01 -8.15 15.29
C GLU C 354 -3.33 -7.96 13.94
N THR C 355 -2.17 -7.33 13.99
CA THR C 355 -1.33 -7.14 12.82
C THR C 355 0.05 -7.74 13.08
N LYS C 356 0.66 -8.26 12.03
CA LYS C 356 1.92 -8.96 12.18
C LYS C 356 3.09 -7.98 12.09
N MET C 357 3.96 -7.99 13.10
N MET C 357 3.93 -7.99 13.12
CA MET C 357 5.13 -7.14 13.03
CA MET C 357 5.18 -7.23 13.11
C MET C 357 6.08 -7.78 12.04
C MET C 357 6.11 -7.81 12.04
N LYS C 358 7.00 -6.98 11.50
CA LYS C 358 7.93 -7.48 10.49
C LYS C 358 9.24 -7.99 11.10
N LEU C 359 9.94 -8.82 10.33
CA LEU C 359 11.21 -9.40 10.78
C LEU C 359 12.31 -9.20 9.75
N SER D 14 26.60 31.04 52.93
CA SER D 14 26.00 32.28 52.41
C SER D 14 24.65 31.98 51.76
N ASP D 15 24.32 32.76 50.73
CA ASP D 15 23.24 32.42 49.79
C ASP D 15 23.82 31.71 48.58
N GLU D 16 25.15 31.75 48.46
CA GLU D 16 25.86 30.95 47.47
C GLU D 16 25.58 29.49 47.78
N SER D 17 25.25 29.21 49.03
CA SER D 17 24.96 27.85 49.48
C SER D 17 23.67 27.33 48.85
N MET D 18 22.71 28.23 48.63
CA MET D 18 21.46 27.85 47.97
C MET D 18 21.72 27.54 46.50
N SER D 19 22.56 28.36 45.86
CA SER D 19 22.89 28.18 44.46
C SER D 19 23.63 26.87 44.19
N ILE D 20 24.46 26.46 45.14
CA ILE D 20 25.21 25.21 45.00
C ILE D 20 24.28 24.01 45.18
N ASP D 21 23.38 24.12 46.15
CA ASP D 21 22.42 23.06 46.42
C ASP D 21 21.44 22.86 45.26
N ASN D 22 20.99 23.95 44.65
CA ASN D 22 20.09 23.86 43.51
C ASN D 22 20.78 23.32 42.26
N LEU D 23 22.03 23.71 42.04
CA LEU D 23 22.78 23.19 40.91
C LEU D 23 22.97 21.69 41.04
N ARG D 24 23.24 21.22 42.26
CA ARG D 24 23.40 19.78 42.51
C ARG D 24 22.06 19.07 42.36
N GLY D 25 21.00 19.71 42.82
CA GLY D 25 19.65 19.18 42.66
C GLY D 25 19.30 18.98 41.20
N PHE D 26 19.63 19.97 40.38
CA PHE D 26 19.39 19.91 38.94
C PHE D 26 20.24 18.85 38.25
N VAL D 27 21.53 18.80 38.62
CA VAL D 27 22.44 17.83 38.03
C VAL D 27 21.99 16.41 38.36
N ASP D 28 21.74 16.16 39.64
CA ASP D 28 21.33 14.83 40.08
C ASP D 28 20.04 14.37 39.41
N LEU D 29 19.19 15.32 39.03
CA LEU D 29 17.93 15.01 38.38
C LEU D 29 18.13 14.58 36.92
N ASN D 30 19.30 14.91 36.36
CA ASN D 30 19.58 14.58 34.96
C ASN D 30 20.48 13.35 34.75
N VAL D 31 21.34 13.04 35.72
CA VAL D 31 22.31 11.96 35.54
C VAL D 31 21.62 10.61 35.31
N GLY D 32 22.29 9.76 34.54
CA GLY D 32 21.77 8.46 34.20
C GLY D 32 21.80 8.20 32.70
N LYS D 33 21.34 7.01 32.30
CA LYS D 33 21.22 6.69 30.90
C LYS D 33 19.77 6.85 30.47
N TRP D 34 19.56 7.66 29.44
CA TRP D 34 18.21 7.96 28.96
C TRP D 34 18.00 7.41 27.55
N THR D 35 17.12 6.44 27.43
CA THR D 35 16.67 5.98 26.13
C THR D 35 15.34 6.66 25.81
N GLY D 36 15.24 7.25 24.62
CA GLY D 36 14.06 8.05 24.30
C GLY D 36 13.69 8.18 22.83
N SER D 37 12.60 8.89 22.58
CA SER D 37 12.12 9.13 21.22
C SER D 37 11.92 10.62 20.94
N PHE D 38 12.62 11.10 19.93
CA PHE D 38 12.54 12.49 19.48
C PHE D 38 11.35 12.62 18.56
N HIS D 39 10.54 13.65 18.75
CA HIS D 39 9.39 13.87 17.88
C HIS D 39 9.44 15.28 17.37
N GLN D 40 9.25 15.44 16.07
CA GLN D 40 9.13 16.76 15.50
C GLN D 40 7.73 16.91 14.93
N PHE D 41 6.97 17.85 15.50
CA PHE D 41 5.63 18.15 15.01
C PHE D 41 5.69 19.50 14.34
N ASP D 42 4.68 19.82 13.56
CA ASP D 42 4.52 21.19 13.07
C ASP D 42 3.53 21.89 13.99
N GLY D 43 3.20 23.14 13.68
CA GLY D 43 2.31 23.92 14.51
C GLY D 43 0.91 23.35 14.69
N ASN D 44 0.55 22.39 13.85
CA ASN D 44 -0.75 21.74 13.93
C ASN D 44 -0.67 20.32 14.47
N GLY D 45 0.48 19.97 15.03
CA GLY D 45 0.64 18.69 15.70
C GLY D 45 0.85 17.51 14.78
N ASN D 46 1.12 17.77 13.49
CA ASN D 46 1.40 16.68 12.55
C ASN D 46 2.78 16.11 12.81
N LEU D 47 2.87 14.82 13.10
CA LEU D 47 4.17 14.22 13.33
C LEU D 47 4.95 14.25 12.05
N LEU D 48 6.11 14.91 12.08
CA LEU D 48 6.94 15.01 10.89
C LEU D 48 7.99 13.90 10.91
N HIS D 49 8.61 13.68 12.07
CA HIS D 49 9.62 12.64 12.23
C HIS D 49 9.70 12.11 13.64
N LYS D 50 9.84 10.80 13.77
CA LYS D 50 10.06 10.15 15.06
C LYS D 50 11.41 9.47 15.02
N ILE D 51 12.31 9.90 15.89
CA ILE D 51 13.69 9.44 15.84
C ILE D 51 14.14 8.83 17.15
N ASP D 52 14.67 7.62 17.07
CA ASP D 52 15.20 6.96 18.24
C ASP D 52 16.45 7.69 18.70
N THR D 53 16.51 7.98 20.01
CA THR D 53 17.65 8.69 20.59
C THR D 53 18.08 8.03 21.90
N ARG D 54 19.35 8.19 22.26
CA ARG D 54 19.86 7.79 23.58
C ARG D 54 20.61 8.96 24.20
N LEU D 55 20.45 9.14 25.52
CA LEU D 55 21.09 10.25 26.23
C LEU D 55 21.83 9.79 27.47
N SER D 56 23.13 10.10 27.52
CA SER D 56 23.96 9.72 28.66
C SER D 56 24.40 10.99 29.38
N ALA D 57 23.90 11.17 30.60
CA ALA D 57 24.21 12.36 31.37
C ALA D 57 24.95 12.01 32.65
N SER D 58 26.09 12.66 32.87
CA SER D 58 26.92 12.41 34.05
C SER D 58 27.41 13.73 34.62
N SER D 59 28.01 13.69 35.81
CA SER D 59 28.54 14.90 36.43
C SER D 59 30.03 14.81 36.72
N TYR D 60 30.67 15.96 36.79
CA TYR D 60 32.10 16.02 37.10
C TYR D 60 32.34 17.21 38.02
N GLY D 61 33.40 17.16 38.80
CA GLY D 61 33.69 18.23 39.75
C GLY D 61 32.73 18.20 40.91
N GLU D 62 32.91 19.11 41.85
CA GLU D 62 32.05 19.17 43.02
C GLU D 62 31.73 20.61 43.40
N ASP D 63 30.71 20.78 44.26
CA ASP D 63 30.30 22.09 44.76
C ASP D 63 30.05 23.12 43.66
N GLU D 64 30.63 24.30 43.83
CA GLU D 64 30.43 25.41 42.90
C GLU D 64 31.04 25.13 41.53
N LEU D 65 31.88 24.09 41.47
CA LEU D 65 32.52 23.70 40.23
C LEU D 65 31.83 22.49 39.61
N LEU D 66 30.67 22.12 40.17
CA LEU D 66 29.90 21.00 39.67
C LEU D 66 29.40 21.29 38.25
N SER D 67 29.50 20.29 37.38
CA SER D 67 29.08 20.45 36.00
C SER D 67 28.29 19.23 35.55
N LEU D 68 27.38 19.43 34.60
CA LEU D 68 26.62 18.33 34.02
C LEU D 68 27.01 18.13 32.56
N ASN D 69 27.69 17.03 32.28
CA ASN D 69 28.02 16.66 30.92
C ASN D 69 27.03 15.64 30.39
N GLN D 70 26.58 15.82 29.15
CA GLN D 70 25.66 14.87 28.55
C GLN D 70 25.89 14.68 27.06
N SER D 71 25.79 13.43 26.63
CA SER D 71 25.93 13.08 25.22
C SER D 71 24.63 12.52 24.69
N LEU D 72 24.21 13.05 23.54
CA LEU D 72 23.01 12.58 22.89
C LEU D 72 23.43 11.67 21.74
N TYR D 73 22.84 10.49 21.68
CA TYR D 73 23.12 9.55 20.60
C TYR D 73 21.91 9.39 19.70
N ILE D 74 22.13 9.64 18.41
CA ILE D 74 21.05 9.65 17.42
C ILE D 74 21.14 8.47 16.45
N LYS D 75 20.01 7.81 16.22
CA LYS D 75 19.97 6.66 15.34
C LYS D 75 19.98 7.08 13.87
N GLN D 76 20.96 6.57 13.12
CA GLN D 76 21.13 6.79 11.68
C GLN D 76 20.44 5.74 10.83
N PRO D 77 19.47 6.17 10.00
CA PRO D 77 18.75 5.21 9.15
C PRO D 77 19.66 4.48 8.16
N THR D 78 19.15 3.41 7.55
CA THR D 78 19.93 2.58 6.65
C THR D 78 20.02 3.16 5.24
N GLU D 92 23.52 1.92 13.39
CA GLU D 92 24.64 2.78 13.75
C GLU D 92 24.23 4.07 14.49
N TRP D 93 24.97 4.42 15.53
CA TRP D 93 24.69 5.62 16.33
C TRP D 93 25.77 6.70 16.18
N VAL D 94 25.34 7.96 16.16
CA VAL D 94 26.28 9.08 16.06
C VAL D 94 26.17 10.00 17.28
N GLU D 95 27.31 10.45 17.79
CA GLU D 95 27.34 11.22 19.02
C GLU D 95 27.28 12.71 18.77
N TYR D 96 26.46 13.40 19.54
CA TYR D 96 26.44 14.85 19.57
C TYR D 96 26.78 15.30 20.99
N LYS D 97 27.84 16.10 21.13
CA LYS D 97 28.22 16.63 22.43
C LYS D 97 27.47 17.92 22.78
N ILE D 98 26.50 17.77 23.69
CA ILE D 98 25.71 18.88 24.20
C ILE D 98 26.59 19.81 25.03
N LYS D 99 26.38 21.11 24.88
CA LYS D 99 27.10 22.12 25.64
C LYS D 99 27.12 21.78 27.13
N GLU D 100 28.30 21.87 27.74
CA GLU D 100 28.46 21.60 29.17
C GLU D 100 27.58 22.55 29.99
N THR D 101 26.93 22.00 31.02
CA THR D 101 26.10 22.78 31.91
C THR D 101 26.77 22.97 33.27
N ASN D 102 26.98 24.22 33.67
CA ASN D 102 27.63 24.52 34.93
C ASN D 102 26.98 25.72 35.63
N MET D 103 27.58 26.18 36.74
CA MET D 103 27.03 27.30 37.51
C MET D 103 26.91 28.60 36.71
N PHE D 104 27.83 28.79 35.77
CA PHE D 104 27.85 29.97 34.93
C PHE D 104 26.74 29.92 33.87
N THR D 105 26.58 28.75 33.24
CA THR D 105 25.64 28.62 32.13
C THR D 105 24.19 28.64 32.57
N VAL D 106 23.87 27.93 33.66
CA VAL D 106 22.49 27.86 34.13
C VAL D 106 21.95 29.22 34.50
N ASP D 107 22.83 30.10 34.97
CA ASP D 107 22.42 31.40 35.47
C ASP D 107 22.48 32.48 34.38
N LYS D 108 23.63 32.60 33.74
CA LYS D 108 23.87 33.68 32.80
C LYS D 108 23.31 33.37 31.41
N TYR D 109 23.36 32.10 31.00
CA TYR D 109 22.98 31.71 29.65
C TYR D 109 21.60 31.06 29.55
N GLN D 110 21.34 30.08 30.40
CA GLN D 110 20.13 29.27 30.25
C GLN D 110 18.94 29.81 31.03
N GLN D 111 19.21 30.74 31.95
CA GLN D 111 18.18 31.30 32.82
C GLN D 111 17.29 30.22 33.40
N ILE D 112 17.92 29.23 34.03
CA ILE D 112 17.20 28.05 34.49
C ILE D 112 16.05 28.41 35.43
N GLY D 113 14.89 27.86 35.14
CA GLY D 113 13.78 27.87 36.10
C GLY D 113 13.72 26.45 36.63
N PHE D 114 14.00 26.27 37.91
CA PHE D 114 14.16 24.92 38.45
C PHE D 114 13.31 24.61 39.67
N PHE D 115 12.60 23.49 39.62
CA PHE D 115 11.74 23.06 40.72
C PHE D 115 12.21 21.72 41.29
N PRO D 116 12.92 21.77 42.42
CA PRO D 116 13.50 20.55 43.03
C PRO D 116 12.43 19.59 43.55
N LYS D 117 11.48 20.06 44.35
CA LYS D 117 10.46 19.18 44.91
C LYS D 117 9.53 18.58 43.85
N GLU D 118 9.19 19.37 42.83
CA GLU D 118 8.25 18.93 41.81
C GLU D 118 8.93 18.22 40.65
N ARG D 119 10.26 18.36 40.59
CA ARG D 119 11.08 17.74 39.56
C ARG D 119 10.68 18.19 38.15
N ALA D 120 10.90 19.47 37.87
CA ALA D 120 10.64 20.06 36.56
C ALA D 120 11.60 21.21 36.34
N PHE D 121 11.88 21.53 35.08
CA PHE D 121 12.74 22.67 34.78
C PHE D 121 12.51 23.26 33.39
N SER D 122 12.83 24.55 33.26
CA SER D 122 12.79 25.23 31.98
C SER D 122 14.20 25.68 31.67
N LEU D 123 14.57 25.61 30.39
CA LEU D 123 15.88 26.07 29.97
C LEU D 123 15.81 26.86 28.70
N ARG D 124 16.69 27.86 28.60
CA ARG D 124 16.81 28.60 27.37
C ARG D 124 18.00 28.08 26.58
N TYR D 125 17.82 27.99 25.27
CA TYR D 125 18.93 27.69 24.37
C TYR D 125 19.23 28.91 23.52
N GLN D 126 20.51 29.13 23.25
CA GLN D 126 20.93 30.27 22.45
C GLN D 126 20.63 29.96 21.00
N THR D 127 20.63 28.68 20.67
CA THR D 127 20.49 28.22 19.29
C THR D 127 19.80 26.85 19.22
N ALA D 128 19.27 26.49 18.05
CA ALA D 128 18.61 25.19 17.91
C ALA D 128 19.51 24.15 17.25
N GLY D 129 20.83 24.38 17.32
CA GLY D 129 21.81 23.51 16.68
C GLY D 129 21.73 22.05 17.09
N MET D 130 21.46 21.79 18.37
CA MET D 130 21.36 20.43 18.86
C MET D 130 20.20 19.71 18.17
N LEU D 131 19.14 20.46 17.87
CA LEU D 131 17.96 19.91 17.21
C LEU D 131 18.19 19.79 15.71
N ASP D 132 19.00 20.69 15.16
CA ASP D 132 19.38 20.63 13.77
C ASP D 132 20.09 19.31 13.47
N THR D 133 21.09 19.00 14.27
CA THR D 133 21.87 17.78 14.11
C THR D 133 21.02 16.52 14.31
N THR D 134 20.14 16.53 15.31
CA THR D 134 19.28 15.38 15.57
C THR D 134 18.38 15.04 14.39
N LEU D 135 17.85 16.05 13.72
CA LEU D 135 17.03 15.84 12.55
C LEU D 135 17.87 15.32 11.36
N ARG D 136 19.00 15.97 11.10
CA ARG D 136 19.91 15.58 10.02
C ARG D 136 20.31 14.11 10.14
N GLN D 137 20.85 13.76 11.30
CA GLN D 137 21.36 12.43 11.54
C GLN D 137 20.24 11.41 11.61
N GLY D 138 19.08 11.82 12.12
CA GLY D 138 17.98 10.89 12.29
C GLY D 138 17.20 10.63 11.00
N VAL D 139 17.40 11.50 10.01
CA VAL D 139 16.66 11.39 8.75
C VAL D 139 17.57 11.18 7.53
N LEU D 140 18.74 11.81 7.54
CA LEU D 140 19.67 11.72 6.42
C LEU D 140 20.98 11.00 6.74
N GLY D 141 21.95 11.18 5.84
CA GLY D 141 23.30 10.65 6.04
C GLY D 141 24.08 11.43 7.08
N SER D 149 20.13 20.31 1.31
CA SER D 149 19.02 20.35 2.26
C SER D 149 17.65 20.15 1.60
N PRO D 150 17.03 18.97 1.83
CA PRO D 150 15.78 18.51 1.19
C PRO D 150 14.54 19.32 1.59
N ARG D 151 13.40 19.00 1.01
CA ARG D 151 12.17 19.76 1.22
C ARG D 151 11.22 18.99 2.13
N ASN D 152 11.42 17.67 2.22
CA ASN D 152 10.64 16.86 3.15
C ASN D 152 11.15 17.02 4.58
N LEU D 153 12.27 17.73 4.74
CA LEU D 153 12.85 17.94 6.06
C LEU D 153 12.84 19.42 6.47
N LYS D 154 12.09 19.76 7.51
CA LYS D 154 12.04 21.14 7.98
C LYS D 154 13.14 21.35 9.04
N LEU D 155 14.21 22.04 8.66
CA LEU D 155 15.30 22.29 9.59
C LEU D 155 15.09 23.64 10.24
N PRO D 156 15.47 23.77 11.53
CA PRO D 156 15.27 25.01 12.28
C PRO D 156 16.20 26.11 11.79
N SER D 157 15.76 27.35 11.93
CA SER D 157 16.51 28.52 11.48
C SER D 157 17.91 28.62 12.08
N ARG D 158 18.80 29.33 11.40
CA ARG D 158 20.15 29.49 11.89
C ARG D 158 20.16 30.39 13.12
N ARG D 159 19.32 31.43 13.10
CA ARG D 159 19.22 32.37 14.21
C ARG D 159 17.78 32.56 14.69
N PRO D 160 17.24 31.56 15.39
CA PRO D 160 15.87 31.66 15.91
C PRO D 160 15.80 32.72 17.00
N SER D 161 14.62 33.31 17.18
CA SER D 161 14.44 34.39 18.14
C SER D 161 14.27 33.86 19.55
N LEU D 162 13.82 32.61 19.66
CA LEU D 162 13.59 32.00 20.96
C LEU D 162 13.64 30.48 20.82
N VAL D 163 14.40 29.83 21.69
CA VAL D 163 14.42 28.37 21.76
C VAL D 163 14.25 27.98 23.22
N CYS D 164 13.12 27.36 23.54
CA CYS D 164 12.80 27.12 24.94
C CYS D 164 12.51 25.66 25.21
N GLU D 165 13.09 25.13 26.28
CA GLU D 165 12.83 23.76 26.67
C GLU D 165 12.09 23.73 27.97
N ASN D 166 11.00 22.97 28.01
CA ASN D 166 10.25 22.73 29.26
C ASN D 166 10.23 21.25 29.57
N CYS D 167 10.64 20.90 30.79
CA CYS D 167 10.81 19.50 31.13
C CYS D 167 9.96 19.07 32.33
N LEU D 168 9.11 18.07 32.12
CA LEU D 168 8.27 17.53 33.18
C LEU D 168 8.65 16.09 33.47
N TYR D 169 8.61 15.71 34.74
CA TYR D 169 8.87 14.34 35.12
C TYR D 169 7.58 13.65 35.53
N SER D 170 7.49 12.36 35.22
CA SER D 170 6.34 11.57 35.62
C SER D 170 6.46 11.21 37.10
N LYS D 171 5.32 11.11 37.78
CA LYS D 171 5.32 10.75 39.19
C LYS D 171 5.08 9.26 39.37
N GLU D 172 4.67 8.59 38.29
CA GLU D 172 4.38 7.15 38.31
C GLU D 172 5.60 6.33 37.90
N ILE D 173 6.14 6.62 36.73
CA ILE D 173 7.29 5.89 36.20
C ILE D 173 8.49 6.84 36.15
N ASP D 174 9.71 6.30 36.11
CA ASP D 174 10.90 7.15 36.01
C ASP D 174 11.16 7.55 34.56
N ARG D 175 10.23 8.32 33.99
CA ARG D 175 10.42 8.91 32.67
C ARG D 175 10.03 10.40 32.65
N ARG D 176 10.63 11.16 31.73
CA ARG D 176 10.36 12.58 31.62
C ARG D 176 10.11 12.97 30.17
N ALA D 177 9.50 14.13 29.96
CA ALA D 177 9.28 14.66 28.63
C ALA D 177 9.89 16.05 28.51
N ARG D 178 10.65 16.28 27.44
CA ARG D 178 11.34 17.55 27.25
C ARG D 178 10.81 18.26 26.00
N ALA D 179 9.96 19.26 26.20
CA ALA D 179 9.32 19.93 25.08
C ALA D 179 10.07 21.19 24.67
N PHE D 180 10.24 21.37 23.36
CA PHE D 180 10.97 22.52 22.82
C PHE D 180 10.10 23.38 21.93
N HIS D 181 10.03 24.66 22.25
CA HIS D 181 9.48 25.64 21.35
C HIS D 181 10.62 26.22 20.54
N ILE D 182 10.42 26.40 19.24
CA ILE D 182 11.37 27.14 18.43
C ILE D 182 10.66 28.18 17.57
N MET D 183 10.99 29.45 17.77
CA MET D 183 10.38 30.52 16.99
C MET D 183 11.38 31.10 15.99
N ASP D 184 10.91 31.40 14.77
CA ASP D 184 11.77 31.96 13.71
C ASP D 184 12.25 33.38 14.07
N PRO D 185 13.20 33.94 13.30
CA PRO D 185 13.71 35.27 13.69
C PRO D 185 12.66 36.38 13.79
N LYS D 186 11.47 36.13 13.26
CA LYS D 186 10.38 37.11 13.34
C LYS D 186 9.36 36.75 14.42
N GLY D 187 9.70 35.78 15.27
CA GLY D 187 8.91 35.47 16.45
C GLY D 187 7.72 34.55 16.21
N VAL D 188 7.69 33.91 15.05
CA VAL D 188 6.61 32.99 14.72
C VAL D 188 7.07 31.55 14.89
N LEU D 189 6.22 30.75 15.52
CA LEU D 189 6.51 29.34 15.80
C LEU D 189 6.84 28.55 14.53
N GLU D 190 7.94 27.82 14.53
CA GLU D 190 8.32 27.07 13.33
C GLU D 190 8.34 25.55 13.49
N MET D 191 8.58 25.05 14.71
CA MET D 191 8.42 23.63 14.98
C MET D 191 8.26 23.36 16.47
N LEU D 192 7.73 22.19 16.80
CA LEU D 192 7.68 21.75 18.18
C LEU D 192 8.38 20.41 18.31
N ILE D 193 9.15 20.25 19.38
CA ILE D 193 9.93 19.03 19.55
C ILE D 193 9.71 18.44 20.93
N VAL D 194 9.46 17.14 20.97
CA VAL D 194 9.28 16.46 22.24
C VAL D 194 10.16 15.21 22.32
N PHE D 195 11.13 15.22 23.21
CA PHE D 195 11.86 14.02 23.56
C PHE D 195 11.07 13.29 24.63
N LEU D 196 10.60 12.08 24.35
CA LEU D 196 10.02 11.25 25.38
C LEU D 196 11.06 10.22 25.83
N GLU D 197 11.50 10.32 27.07
CA GLU D 197 12.66 9.55 27.53
C GLU D 197 12.40 8.78 28.81
N GLU D 198 12.89 7.54 28.87
CA GLU D 198 12.85 6.72 30.08
C GLU D 198 14.28 6.37 30.53
N ARG D 199 14.51 6.33 31.84
CA ARG D 199 15.85 6.10 32.38
C ARG D 199 16.09 4.64 32.76
N ASN D 203 19.83 0.47 27.26
CA ASN D 203 18.87 -0.62 27.32
C ASN D 203 17.45 -0.13 27.08
N LEU D 204 16.48 -0.97 27.45
CA LEU D 204 15.04 -0.71 27.30
C LEU D 204 14.57 -0.45 25.87
N ALA D 205 13.25 -0.30 25.73
CA ALA D 205 12.62 -0.06 24.43
C ALA D 205 12.24 1.39 24.28
N HIS D 206 12.60 1.99 23.15
CA HIS D 206 12.29 3.39 22.88
C HIS D 206 10.81 3.69 23.05
N PRO D 207 10.49 4.70 23.90
CA PRO D 207 9.11 5.01 24.28
C PRO D 207 8.24 5.49 23.12
N VAL D 208 6.93 5.34 23.28
CA VAL D 208 5.99 5.71 22.23
C VAL D 208 4.89 6.60 22.81
N LEU D 209 4.31 7.45 21.98
CA LEU D 209 3.19 8.27 22.41
C LEU D 209 1.87 7.53 22.16
N ASP D 210 0.91 7.74 23.06
CA ASP D 210 -0.42 7.10 23.03
C ASP D 210 -1.01 6.77 21.66
N ASN D 211 -1.51 7.79 20.96
CA ASN D 211 -2.14 7.62 19.65
C ASN D 211 -3.28 6.59 19.66
N GLU D 217 -10.26 12.51 18.79
CA GLU D 217 -9.92 13.93 18.96
C GLU D 217 -8.96 14.15 20.13
N ARG D 218 -7.84 14.82 19.87
CA ARG D 218 -6.79 15.01 20.86
C ARG D 218 -7.20 15.91 22.03
N ILE D 219 -8.11 16.85 21.78
CA ILE D 219 -8.48 17.84 22.80
C ILE D 219 -9.39 17.30 23.89
N ASN D 220 -10.04 16.17 23.63
CA ASN D 220 -11.05 15.63 24.54
C ASN D 220 -10.63 15.43 26.00
N PRO D 221 -9.51 14.73 26.27
CA PRO D 221 -9.17 14.53 27.67
C PRO D 221 -8.79 15.80 28.45
N PHE D 222 -8.51 16.90 27.75
CA PHE D 222 -8.16 18.14 28.44
C PHE D 222 -9.38 18.94 28.87
N LEU D 223 -10.49 18.78 28.16
CA LEU D 223 -11.74 19.46 28.47
C LEU D 223 -12.27 19.09 29.86
N GLY D 224 -12.88 20.06 30.52
CA GLY D 224 -13.43 19.87 31.84
C GLY D 224 -12.82 20.87 32.80
N THR D 225 -12.98 20.62 34.09
CA THR D 225 -12.46 21.51 35.11
C THR D 225 -11.31 20.87 35.87
N TRP D 226 -10.17 21.55 35.87
CA TRP D 226 -8.99 21.08 36.58
C TRP D 226 -8.69 22.02 37.73
N LYS D 227 -8.52 21.48 38.93
CA LYS D 227 -8.06 22.28 40.05
C LYS D 227 -6.77 21.74 40.65
N GLY D 228 -5.97 22.63 41.21
CA GLY D 228 -4.68 22.25 41.75
C GLY D 228 -3.94 23.42 42.34
N ARG D 229 -2.61 23.32 42.37
CA ARG D 229 -1.78 24.36 42.91
C ARG D 229 -0.69 24.74 41.93
N SER D 230 -0.20 25.97 42.04
CA SER D 230 0.91 26.41 41.21
C SER D 230 2.01 27.00 42.06
N VAL D 231 3.22 27.00 41.53
CA VAL D 231 4.36 27.58 42.21
C VAL D 231 5.24 28.30 41.19
N THR D 232 5.46 29.59 41.41
CA THR D 232 6.25 30.39 40.48
C THR D 232 7.65 30.65 41.01
N LYS D 233 8.66 30.25 40.25
CA LYS D 233 10.03 30.50 40.67
C LYS D 233 10.71 31.47 39.72
N ARG D 234 11.38 32.46 40.30
CA ARG D 234 12.13 33.42 39.53
C ARG D 234 13.24 32.70 38.80
N SER D 235 13.44 33.03 37.53
CA SER D 235 14.49 32.37 36.76
C SER D 235 15.86 32.72 37.33
N GLY D 236 16.84 31.88 37.04
CA GLY D 236 18.15 32.02 37.65
C GLY D 236 18.42 30.83 38.55
N VAL D 237 19.69 30.55 38.79
CA VAL D 237 20.08 29.38 39.56
C VAL D 237 19.62 29.43 41.02
N TYR D 238 19.56 30.63 41.61
CA TYR D 238 19.09 30.76 42.99
C TYR D 238 17.66 30.24 43.16
N GLY D 239 16.80 30.60 42.23
CA GLY D 239 15.45 30.06 42.18
C GLY D 239 14.57 30.44 43.34
N ALA D 240 14.54 31.74 43.66
CA ALA D 240 13.67 32.25 44.71
C ALA D 240 12.21 32.02 44.35
N THR D 241 11.44 31.53 45.31
CA THR D 241 10.00 31.37 45.11
C THR D 241 9.30 32.71 45.27
N LEU D 242 8.66 33.19 44.20
CA LEU D 242 7.95 34.47 44.25
C LEU D 242 6.54 34.31 44.83
N SER D 243 5.88 33.22 44.50
CA SER D 243 4.53 32.98 45.00
C SER D 243 4.09 31.53 44.83
N GLU D 244 2.98 31.18 45.47
CA GLU D 244 2.28 29.91 45.27
C GLU D 244 0.80 30.20 45.28
N ALA D 245 0.01 29.36 44.61
CA ALA D 245 -1.41 29.64 44.47
C ALA D 245 -2.25 28.38 44.25
N ASP D 246 -3.53 28.48 44.62
CA ASP D 246 -4.52 27.46 44.30
C ASP D 246 -5.12 27.81 42.94
N THR D 247 -5.12 26.85 42.03
CA THR D 247 -5.53 27.13 40.66
C THR D 247 -6.79 26.38 40.27
N VAL D 248 -7.57 27.01 39.39
CA VAL D 248 -8.71 26.37 38.76
C VAL D 248 -8.63 26.65 37.26
N ALA D 249 -8.44 25.61 36.47
CA ALA D 249 -8.38 25.74 35.02
C ALA D 249 -9.60 25.11 34.38
N VAL D 250 -10.32 25.88 33.58
CA VAL D 250 -11.52 25.37 32.92
C VAL D 250 -11.42 25.46 31.39
N LEU D 251 -11.55 24.31 30.73
CA LEU D 251 -11.49 24.25 29.28
C LEU D 251 -12.74 23.57 28.71
N GLU D 252 -13.42 24.23 27.78
CA GLU D 252 -14.65 23.71 27.20
C GLU D 252 -14.71 23.90 25.69
N MET D 253 -15.35 22.97 25.00
CA MET D 253 -15.57 23.08 23.57
C MET D 253 -16.93 22.50 23.16
N ASN D 254 -17.68 23.29 22.42
CA ASN D 254 -18.97 22.84 21.90
C ASN D 254 -18.81 22.09 20.57
N ASP D 255 -19.93 21.74 19.95
CA ASP D 255 -19.89 20.97 18.70
C ASP D 255 -19.40 21.82 17.52
N LYS D 256 -19.55 23.13 17.63
CA LYS D 256 -19.10 24.07 16.60
C LYS D 256 -17.57 24.20 16.62
N GLY D 257 -17.01 23.78 17.76
CA GLY D 257 -15.59 23.86 18.03
C GLY D 257 -15.19 25.24 18.48
N GLN D 258 -15.96 25.78 19.41
CA GLN D 258 -15.66 27.07 20.01
C GLN D 258 -15.03 26.80 21.36
N VAL D 259 -13.85 27.36 21.59
CA VAL D 259 -13.12 27.07 22.80
C VAL D 259 -13.23 28.20 23.80
N VAL D 260 -13.47 27.85 25.06
CA VAL D 260 -13.48 28.82 26.14
C VAL D 260 -12.49 28.37 27.18
N GLN D 261 -11.62 29.27 27.63
CA GLN D 261 -10.66 28.92 28.67
C GLN D 261 -10.70 29.91 29.82
N ASP D 262 -10.81 29.36 31.04
CA ASP D 262 -10.77 30.16 32.25
C ASP D 262 -9.66 29.65 33.15
N ILE D 263 -8.78 30.54 33.57
CA ILE D 263 -7.79 30.19 34.58
C ILE D 263 -7.94 31.06 35.82
N SER D 264 -8.15 30.42 36.95
CA SER D 264 -8.36 31.12 38.20
C SER D 264 -7.18 30.86 39.10
N SER D 265 -6.66 31.92 39.71
CA SER D 265 -5.47 31.79 40.55
C SER D 265 -5.66 32.59 41.84
N THR D 266 -5.81 31.88 42.96
CA THR D 266 -6.00 32.54 44.24
C THR D 266 -4.83 32.38 45.21
N SER D 267 -4.15 33.48 45.52
CA SER D 267 -3.10 33.46 46.52
C SER D 267 -3.66 33.97 47.87
N ASP D 268 -3.50 33.18 48.93
CA ASP D 268 -4.02 33.54 50.26
C ASP D 268 -3.18 34.60 50.93
N GLU D 269 -1.87 34.45 50.87
CA GLU D 269 -0.96 35.37 51.53
C GLU D 269 -1.15 36.78 50.98
N LYS D 270 -1.10 36.93 49.65
CA LYS D 270 -1.26 38.25 49.04
C LYS D 270 -2.73 38.65 48.97
N LYS D 271 -3.61 37.71 49.30
CA LYS D 271 -5.06 37.92 49.22
C LYS D 271 -5.51 38.43 47.86
N VAL D 272 -5.03 37.77 46.80
CA VAL D 272 -5.45 38.12 45.46
C VAL D 272 -6.08 36.93 44.75
N THR D 273 -7.11 37.22 43.95
CA THR D 273 -7.68 36.22 43.07
C THR D 273 -7.84 36.82 41.70
N THR D 274 -7.19 36.21 40.72
CA THR D 274 -7.29 36.68 39.35
C THR D 274 -7.95 35.62 38.47
N ASN D 275 -8.88 36.06 37.63
CA ASN D 275 -9.48 35.19 36.62
C ASN D 275 -9.12 35.68 35.22
N VAL D 276 -8.70 34.76 34.37
CA VAL D 276 -8.46 35.11 32.97
C VAL D 276 -9.34 34.27 32.06
N HIS D 277 -10.15 34.94 31.25
CA HIS D 277 -11.12 34.26 30.41
C HIS D 277 -10.84 34.51 28.93
N TRP D 278 -10.55 33.44 28.20
CA TRP D 278 -10.22 33.53 26.78
C TRP D 278 -11.17 32.76 25.86
N GLU D 279 -11.39 33.29 24.66
CA GLU D 279 -12.21 32.60 23.65
C GLU D 279 -11.44 32.38 22.35
N GLY D 280 -11.63 31.22 21.72
CA GLY D 280 -10.94 30.90 20.47
C GLY D 280 -11.62 29.82 19.64
N LYS D 281 -10.96 29.39 18.57
CA LYS D 281 -11.52 28.36 17.68
C LYS D 281 -10.60 27.16 17.53
N MET D 282 -11.19 25.97 17.49
CA MET D 282 -10.45 24.73 17.32
C MET D 282 -10.54 24.28 15.87
N SER D 283 -9.42 23.84 15.31
CA SER D 283 -9.37 23.39 13.92
C SER D 283 -8.09 22.59 13.66
N LYS D 284 -8.23 21.29 13.43
CA LYS D 284 -7.11 20.41 13.12
C LYS D 284 -6.04 20.47 14.21
N ASP D 285 -6.46 20.19 15.44
CA ASP D 285 -5.57 20.13 16.58
C ASP D 285 -4.85 21.46 16.93
N LEU D 286 -5.38 22.59 16.46
CA LEU D 286 -4.78 23.88 16.80
C LEU D 286 -5.82 24.89 17.23
N VAL D 287 -5.86 25.17 18.53
CA VAL D 287 -6.76 26.18 19.07
C VAL D 287 -6.16 27.58 18.94
N THR D 288 -6.88 28.46 18.27
CA THR D 288 -6.44 29.83 18.11
C THR D 288 -7.35 30.78 18.87
N PHE D 289 -6.83 31.37 19.94
CA PHE D 289 -7.56 32.35 20.74
C PHE D 289 -7.41 33.68 20.07
N ALA D 290 -8.38 34.57 20.29
CA ALA D 290 -8.32 35.89 19.67
C ALA D 290 -7.28 36.79 20.34
N GLU D 291 -6.70 36.29 21.43
CA GLU D 291 -5.80 37.07 22.29
C GLU D 291 -4.50 37.69 21.73
N GLY D 292 -3.69 37.01 20.91
CA GLY D 292 -3.95 35.69 20.37
C GLY D 292 -2.90 34.65 20.70
N TYR D 293 -3.24 33.81 21.66
CA TYR D 293 -2.40 32.71 22.11
C TYR D 293 -2.82 31.53 21.25
N GLN D 294 -2.00 30.49 21.18
CA GLN D 294 -2.39 29.27 20.43
C GLN D 294 -1.86 28.01 21.08
N MET D 295 -2.74 27.05 21.34
CA MET D 295 -2.27 25.77 21.83
C MET D 295 -2.55 24.69 20.80
N THR D 296 -1.47 24.05 20.39
CA THR D 296 -1.54 22.94 19.48
C THR D 296 -1.59 21.66 20.28
N LEU D 297 -2.51 20.78 19.90
CA LEU D 297 -2.73 19.55 20.64
C LEU D 297 -1.91 18.42 20.05
N LEU D 298 -1.21 17.71 20.92
CA LEU D 298 -0.23 16.71 20.53
C LEU D 298 -0.68 15.29 20.90
N PRO D 299 -0.03 14.28 20.31
CA PRO D 299 -0.22 12.90 20.78
C PRO D 299 0.24 12.72 22.22
N GLY D 300 -0.11 11.59 22.82
CA GLY D 300 0.38 11.23 24.15
C GLY D 300 -0.19 12.02 25.32
N GLY D 301 -1.22 12.81 25.05
CA GLY D 301 -1.82 13.62 26.08
C GLY D 301 -0.97 14.83 26.42
N MET D 302 -0.36 15.43 25.40
CA MET D 302 0.46 16.63 25.57
C MET D 302 -0.17 17.75 24.78
N TYR D 303 0.04 18.98 25.23
CA TYR D 303 -0.19 20.13 24.38
C TYR D 303 0.86 21.20 24.71
N MET D 304 1.09 22.09 23.74
CA MET D 304 2.08 23.14 23.90
C MET D 304 1.48 24.47 23.43
N GLY D 305 1.67 25.52 24.22
CA GLY D 305 1.07 26.79 23.90
C GLY D 305 2.09 27.89 23.80
N CYS D 306 1.82 28.88 22.95
CA CYS D 306 2.71 30.00 22.71
C CYS D 306 1.91 31.05 21.96
N PRO D 307 2.38 32.31 21.96
CA PRO D 307 1.65 33.31 21.19
C PRO D 307 1.80 33.10 19.68
N CYS D 308 0.86 33.61 18.89
CA CYS D 308 0.93 33.48 17.44
C CYS D 308 2.18 34.16 16.93
N ASP D 309 2.40 35.39 17.39
CA ASP D 309 3.51 36.20 16.93
C ASP D 309 4.17 36.89 18.12
N VAL D 310 5.30 36.37 18.57
CA VAL D 310 6.01 36.95 19.71
C VAL D 310 6.38 38.43 19.45
N SER D 311 6.67 38.78 18.20
CA SER D 311 7.07 40.14 17.89
C SER D 311 5.95 41.16 18.17
N LYS D 312 4.70 40.72 18.09
CA LYS D 312 3.56 41.58 18.39
C LYS D 312 3.53 41.89 19.88
N CYS D 313 3.78 40.87 20.69
CA CYS D 313 3.86 41.04 22.13
C CYS D 313 4.97 42.03 22.45
N VAL D 314 6.15 41.80 21.88
CA VAL D 314 7.29 42.68 22.11
C VAL D 314 7.04 44.12 21.65
N ALA D 315 6.46 44.26 20.46
CA ALA D 315 6.17 45.56 19.89
C ALA D 315 5.09 46.28 20.70
N ASP D 316 4.19 45.51 21.30
CA ASP D 316 3.14 46.10 22.13
C ASP D 316 3.64 46.39 23.54
N LEU D 317 4.91 46.11 23.79
CA LEU D 317 5.51 46.22 25.12
C LEU D 317 4.75 45.39 26.15
N LYS D 318 4.36 44.17 25.77
CA LYS D 318 3.63 43.28 26.66
C LYS D 318 4.40 42.00 27.00
N SER D 319 4.10 41.42 28.17
CA SER D 319 4.65 40.11 28.54
C SER D 319 3.90 39.02 27.82
N PHE D 320 4.53 37.84 27.73
CA PHE D 320 3.90 36.67 27.11
C PHE D 320 4.45 35.40 27.75
N HIS D 321 3.83 34.26 27.44
CA HIS D 321 4.30 32.99 27.98
C HIS D 321 4.20 31.81 27.01
N LEU D 322 5.05 30.81 27.27
CA LEU D 322 5.03 29.55 26.54
C LEU D 322 4.53 28.50 27.51
N GLU D 323 3.98 27.40 27.03
CA GLU D 323 3.33 26.44 27.93
C GLU D 323 3.48 25.00 27.48
N PHE D 324 3.71 24.11 28.44
CA PHE D 324 3.79 22.68 28.15
C PHE D 324 2.97 21.89 29.16
N CYS D 325 2.08 21.05 28.68
CA CYS D 325 1.20 20.27 29.54
C CYS D 325 1.31 18.78 29.22
N TRP D 326 1.28 17.95 30.27
CA TRP D 326 1.42 16.50 30.13
C TRP D 326 0.62 15.79 31.21
N LEU D 327 -0.40 15.05 30.79
CA LEU D 327 -1.19 14.26 31.75
C LEU D 327 -0.80 12.79 31.85
N GLU D 328 -0.75 12.28 33.07
CA GLU D 328 -0.42 10.88 33.31
C GLU D 328 -1.67 10.01 33.13
N SER D 329 -2.75 10.38 33.82
CA SER D 329 -4.04 9.72 33.70
C SER D 329 -5.01 10.73 33.08
N PRO D 330 -6.27 10.33 32.85
CA PRO D 330 -7.24 11.35 32.40
C PRO D 330 -7.77 12.25 33.53
N SER D 331 -7.21 12.13 34.73
CA SER D 331 -7.65 12.98 35.84
C SER D 331 -6.49 13.58 36.63
N SER D 332 -5.27 13.46 36.11
CA SER D 332 -4.09 14.00 36.77
C SER D 332 -3.08 14.50 35.74
N ARG D 333 -2.69 15.78 35.84
CA ARG D 333 -1.77 16.35 34.86
C ARG D 333 -0.76 17.28 35.48
N GLN D 334 0.28 17.61 34.72
CA GLN D 334 1.25 18.62 35.08
C GLN D 334 1.35 19.69 34.00
N ARG D 335 1.57 20.93 34.40
CA ARG D 335 1.80 22.00 33.43
C ARG D 335 3.02 22.82 33.82
N LEU D 336 3.72 23.32 32.81
CA LEU D 336 4.86 24.17 33.02
C LEU D 336 4.70 25.38 32.13
N ILE D 337 4.73 26.57 32.73
CA ILE D 337 4.62 27.81 31.98
C ILE D 337 5.90 28.61 32.10
N ARG D 338 6.42 29.06 30.97
CA ARG D 338 7.60 29.91 30.92
C ARG D 338 7.15 31.32 30.56
N THR D 339 7.41 32.26 31.46
CA THR D 339 6.95 33.65 31.31
C THR D 339 8.06 34.60 30.88
N TYR D 340 7.80 35.44 29.89
CA TYR D 340 8.80 36.37 29.36
C TYR D 340 8.38 37.83 29.58
N ASP D 341 9.36 38.71 29.79
CA ASP D 341 9.07 40.14 29.79
C ASP D 341 8.94 40.61 28.35
N HIS D 342 8.70 41.90 28.14
CA HIS D 342 8.47 42.40 26.80
C HIS D 342 9.74 42.47 25.93
N GLU D 343 10.90 42.14 26.51
CA GLU D 343 12.13 42.05 25.74
C GLU D 343 12.54 40.61 25.44
N GLY D 344 11.64 39.67 25.68
CA GLY D 344 11.91 38.28 25.40
C GLY D 344 12.87 37.64 26.39
N LEU D 345 13.05 38.27 27.55
CA LEU D 345 13.84 37.64 28.60
C LEU D 345 12.92 36.86 29.53
N ALA D 346 13.27 35.61 29.82
CA ALA D 346 12.49 34.81 30.75
C ALA D 346 12.70 35.33 32.18
N VAL D 347 11.61 35.67 32.84
CA VAL D 347 11.68 36.24 34.18
C VAL D 347 11.26 35.22 35.23
N SER D 348 10.40 34.27 34.85
CA SER D 348 9.93 33.24 35.78
C SER D 348 9.39 31.99 35.08
N SER D 349 9.31 30.91 35.85
CA SER D 349 8.67 29.67 35.40
C SER D 349 7.57 29.34 36.39
N THR D 350 6.47 28.79 35.90
CA THR D 350 5.39 28.40 36.79
C THR D 350 5.05 26.92 36.63
N TYR D 351 5.16 26.18 37.73
CA TYR D 351 4.80 24.77 37.72
C TYR D 351 3.37 24.56 38.19
N PHE D 352 2.63 23.74 37.46
CA PHE D 352 1.28 23.37 37.87
C PHE D 352 1.19 21.87 38.07
N THR D 353 0.51 21.45 39.12
CA THR D 353 0.09 20.06 39.26
C THR D 353 -1.41 20.09 39.53
N GLU D 354 -2.16 19.42 38.66
CA GLU D 354 -3.61 19.60 38.65
C GLU D 354 -4.36 18.28 38.52
N THR D 355 -5.55 18.24 39.10
CA THR D 355 -6.42 17.08 38.99
C THR D 355 -7.77 17.47 38.39
N LYS D 356 -8.36 16.58 37.60
CA LYS D 356 -9.62 16.85 36.92
C LYS D 356 -10.83 16.52 37.79
N MET D 357 -11.72 17.48 37.98
CA MET D 357 -12.95 17.26 38.75
C MET D 357 -13.96 16.47 37.93
N LYS D 358 -14.92 15.86 38.64
CA LYS D 358 -15.95 15.06 37.99
C LYS D 358 -17.20 15.89 37.70
N LEU D 359 -18.03 15.40 36.78
CA LEU D 359 -19.25 16.10 36.38
C LEU D 359 -20.51 15.33 36.75
#